data_1F06
#
_entry.id   1F06
#
_cell.length_a   75.547
_cell.length_b   65.591
_cell.length_c   84.281
_cell.angle_alpha   90.00
_cell.angle_beta   106.52
_cell.angle_gamma   90.00
#
_symmetry.space_group_name_H-M   'P 1 21 1'
#
loop_
_entity.id
_entity.type
_entity.pdbx_description
1 polymer 'MESO-DIAMINOPIMELATE D-DEHYDROGENASE'
2 non-polymer 'NADPH DIHYDRO-NICOTINAMIDE-ADENINE-DINUCLEOTIDE PHOSPHATE'
3 non-polymer 'L-2-AMINO-6-METHYLENE-PIMELIC ACID'
4 water water
#
_entity_poly.entity_id   1
_entity_poly.type   'polypeptide(L)'
_entity_poly.pdbx_seq_one_letter_code
;MTNIRVAIVGYGNLGRSVEKLIAKQPDMDLVGIFSRRATLDTKTPVFDVADVDKHADDVDVLFLCMGSATDIPEQAPKFA
QFACTVDTYDNHRDIPRHRQVMNEAATAAGNVALVSTGWDPGMFSINRVYAAAVLAEHQQHTFWGPGLSQGHSDALRRIP
GVQKAVQYTLPSEDALEKARRGEAGDLTGKQTHKRQCFVVADAADHERIENDIRTMPDYFVGYEVEVNFIDEATFDSEHT
GMPHGGHVITTGDTGGFNHTVEYILKLDRNPDFTASSQIAFGRAAHRMKQQGQSGAFTVLEVAPYLLSPENLDDLIARDV
;
_entity_poly.pdbx_strand_id   A,B
#
# COMPACT_ATOMS: atom_id res chain seq x y z
N MET A 1 7.46 -3.93 29.40
CA MET A 1 6.92 -3.08 28.30
C MET A 1 6.43 -1.75 28.83
N THR A 2 7.11 -0.67 28.43
CA THR A 2 6.73 0.67 28.85
C THR A 2 5.86 1.28 27.77
N ASN A 3 4.61 1.53 28.11
CA ASN A 3 3.66 2.11 27.18
C ASN A 3 4.05 3.54 26.76
N ILE A 4 3.58 3.94 25.59
CA ILE A 4 3.84 5.27 25.06
C ILE A 4 2.78 6.18 25.70
N ARG A 5 3.23 7.29 26.29
CA ARG A 5 2.33 8.23 26.92
C ARG A 5 1.88 9.25 25.88
N VAL A 6 0.58 9.25 25.58
CA VAL A 6 0.03 10.14 24.58
C VAL A 6 -1.02 11.12 25.11
N ALA A 7 -1.10 12.28 24.47
CA ALA A 7 -2.08 13.31 24.82
C ALA A 7 -2.72 13.84 23.56
N ILE A 8 -3.95 14.33 23.69
CA ILE A 8 -4.71 14.87 22.57
C ILE A 8 -4.81 16.39 22.69
N VAL A 9 -4.53 17.09 21.59
CA VAL A 9 -4.62 18.54 21.56
C VAL A 9 -5.76 18.91 20.60
N GLY A 10 -6.87 19.35 21.17
CA GLY A 10 -8.02 19.71 20.36
C GLY A 10 -9.05 18.61 20.49
N TYR A 11 -10.19 18.93 21.09
CA TYR A 11 -11.24 17.94 21.29
C TYR A 11 -12.47 18.09 20.40
N GLY A 12 -12.28 17.88 19.09
CA GLY A 12 -13.39 17.95 18.17
C GLY A 12 -13.76 16.54 17.76
N ASN A 13 -14.23 16.34 16.53
CA ASN A 13 -14.59 15.01 16.05
C ASN A 13 -13.38 14.07 16.04
N LEU A 14 -12.27 14.56 15.50
CA LEU A 14 -11.02 13.80 15.42
C LEU A 14 -10.51 13.46 16.83
N GLY A 15 -10.47 14.48 17.69
CA GLY A 15 -10.01 14.30 19.07
C GLY A 15 -10.79 13.24 19.83
N ARG A 16 -12.11 13.19 19.65
CA ARG A 16 -12.95 12.20 20.33
C ARG A 16 -12.68 10.80 19.77
N SER A 17 -12.42 10.74 18.46
CA SER A 17 -12.13 9.47 17.82
C SER A 17 -10.82 8.89 18.31
N VAL A 18 -9.77 9.71 18.43
CA VAL A 18 -8.47 9.20 18.90
C VAL A 18 -8.54 8.82 20.38
N GLU A 19 -9.35 9.55 21.15
CA GLU A 19 -9.49 9.26 22.58
C GLU A 19 -10.08 7.87 22.73
N LYS A 20 -11.19 7.64 22.04
CA LYS A 20 -11.92 6.38 22.03
C LYS A 20 -11.06 5.21 21.51
N LEU A 21 -10.25 5.48 20.49
CA LEU A 21 -9.42 4.44 19.88
C LEU A 21 -8.13 4.07 20.60
N ILE A 22 -7.64 4.96 21.47
CA ILE A 22 -6.41 4.69 22.23
C ILE A 22 -6.63 3.50 23.19
N ALA A 23 -7.88 3.29 23.59
CA ALA A 23 -8.23 2.19 24.48
C ALA A 23 -8.01 0.84 23.77
N LYS A 24 -8.07 0.84 22.44
CA LYS A 24 -7.86 -0.38 21.64
C LYS A 24 -6.38 -0.67 21.39
N GLN A 25 -5.50 0.18 21.91
CA GLN A 25 -4.05 0.01 21.73
C GLN A 25 -3.46 -0.70 22.94
N PRO A 26 -2.58 -1.68 22.69
CA PRO A 26 -1.93 -2.43 23.77
C PRO A 26 -0.69 -1.75 24.35
N ASP A 27 -0.25 -0.67 23.71
CA ASP A 27 0.96 0.03 24.13
C ASP A 27 0.85 1.53 24.35
N MET A 28 -0.38 2.02 24.60
CA MET A 28 -0.56 3.46 24.80
C MET A 28 -1.40 3.82 26.01
N ASP A 29 -1.00 4.92 26.66
CA ASP A 29 -1.68 5.44 27.83
C ASP A 29 -2.09 6.88 27.58
N LEU A 30 -3.38 7.16 27.70
CA LEU A 30 -3.90 8.51 27.49
C LEU A 30 -3.65 9.30 28.77
N VAL A 31 -2.75 10.28 28.70
CA VAL A 31 -2.45 11.13 29.87
C VAL A 31 -3.44 12.27 30.08
N GLY A 32 -4.06 12.74 29.00
CA GLY A 32 -5.02 13.83 29.10
C GLY A 32 -5.34 14.54 27.79
N ILE A 33 -6.17 15.57 27.90
CA ILE A 33 -6.58 16.35 26.74
C ILE A 33 -6.27 17.83 26.95
N PHE A 34 -5.61 18.42 25.96
CA PHE A 34 -5.28 19.84 25.98
C PHE A 34 -6.31 20.57 25.13
N SER A 35 -7.16 21.35 25.76
CA SER A 35 -8.21 22.07 25.05
C SER A 35 -8.27 23.55 25.38
N ARG A 36 -8.92 24.30 24.48
CA ARG A 36 -9.11 25.74 24.65
C ARG A 36 -10.36 25.98 25.50
N ARG A 37 -11.15 24.92 25.69
CA ARG A 37 -12.37 24.96 26.47
C ARG A 37 -12.13 24.29 27.83
N ALA A 38 -12.74 24.84 28.88
CA ALA A 38 -12.56 24.32 30.24
C ALA A 38 -13.39 23.10 30.57
N THR A 39 -14.62 23.06 30.09
CA THR A 39 -15.53 21.96 30.37
C THR A 39 -15.75 21.04 29.19
N LEU A 40 -15.22 19.82 29.30
CA LEU A 40 -15.37 18.81 28.26
C LEU A 40 -16.19 17.64 28.78
N ASP A 41 -16.92 17.00 27.87
CA ASP A 41 -17.76 15.86 28.21
C ASP A 41 -16.95 14.55 28.15
N THR A 42 -16.06 14.39 29.11
CA THR A 42 -15.21 13.21 29.17
C THR A 42 -14.62 13.06 30.57
N LYS A 43 -14.29 11.82 30.93
CA LYS A 43 -13.69 11.51 32.22
C LYS A 43 -12.17 11.65 32.15
N THR A 44 -11.65 11.84 30.94
CA THR A 44 -10.20 12.00 30.74
C THR A 44 -9.81 13.37 31.28
N PRO A 45 -8.66 13.45 31.99
CA PRO A 45 -8.19 14.72 32.55
C PRO A 45 -8.05 15.76 31.45
N VAL A 46 -8.55 16.96 31.69
CA VAL A 46 -8.48 18.05 30.71
C VAL A 46 -7.49 19.11 31.21
N PHE A 47 -6.68 19.63 30.30
CA PHE A 47 -5.69 20.65 30.64
C PHE A 47 -5.79 21.80 29.68
N ASP A 48 -5.28 22.94 30.12
CA ASP A 48 -5.27 24.16 29.31
C ASP A 48 -4.13 24.00 28.29
N VAL A 49 -4.44 24.21 27.01
CA VAL A 49 -3.42 24.12 25.94
C VAL A 49 -2.22 25.01 26.25
N ALA A 50 -2.44 25.99 27.12
CA ALA A 50 -1.38 26.92 27.52
C ALA A 50 -0.40 26.27 28.50
N ASP A 51 -0.82 25.15 29.10
CA ASP A 51 0.01 24.44 30.07
C ASP A 51 0.73 23.20 29.51
N VAL A 52 0.85 23.11 28.19
CA VAL A 52 1.54 21.97 27.56
C VAL A 52 2.98 21.87 28.05
N ASP A 53 3.65 23.02 28.13
CA ASP A 53 5.04 23.12 28.58
C ASP A 53 5.27 22.52 29.96
N LYS A 54 4.20 22.47 30.76
CA LYS A 54 4.26 21.93 32.11
C LYS A 54 4.08 20.41 32.19
N HIS A 55 3.80 19.78 31.05
CA HIS A 55 3.60 18.34 30.98
C HIS A 55 4.56 17.69 30.00
N ALA A 56 5.47 18.48 29.45
CA ALA A 56 6.46 18.04 28.46
C ALA A 56 7.19 16.75 28.82
N ASP A 57 7.29 16.46 30.12
CA ASP A 57 7.97 15.25 30.59
C ASP A 57 7.03 14.11 30.97
N ASP A 58 5.72 14.32 30.80
CA ASP A 58 4.73 13.28 31.12
C ASP A 58 4.12 12.73 29.84
N VAL A 59 4.53 13.29 28.70
CA VAL A 59 4.00 12.89 27.39
C VAL A 59 5.10 12.57 26.38
N ASP A 60 4.89 11.49 25.62
CA ASP A 60 5.83 11.06 24.58
C ASP A 60 5.40 11.60 23.22
N VAL A 61 4.09 11.52 22.93
CA VAL A 61 3.55 12.02 21.66
C VAL A 61 2.23 12.78 21.82
N LEU A 62 2.15 13.89 21.11
CA LEU A 62 1.00 14.77 21.11
C LEU A 62 0.21 14.61 19.82
N PHE A 63 -1.05 14.19 19.92
CA PHE A 63 -1.90 14.05 18.73
C PHE A 63 -2.58 15.40 18.50
N LEU A 64 -2.15 16.09 17.45
CA LEU A 64 -2.69 17.41 17.11
C LEU A 64 -4.00 17.24 16.34
N CYS A 65 -5.11 17.59 16.99
CA CYS A 65 -6.43 17.42 16.37
C CYS A 65 -7.23 18.70 16.14
N MET A 66 -6.53 19.82 16.02
CA MET A 66 -7.18 21.09 15.76
C MET A 66 -7.46 21.26 14.26
N GLY A 67 -8.18 22.31 13.91
CA GLY A 67 -8.53 22.59 12.52
C GLY A 67 -7.36 22.88 11.61
N SER A 68 -7.35 22.26 10.43
CA SER A 68 -6.28 22.46 9.44
C SER A 68 -6.35 23.87 8.87
N ALA A 69 -7.57 24.33 8.61
CA ALA A 69 -7.85 25.64 8.03
C ALA A 69 -7.10 26.80 8.64
N THR A 70 -7.10 26.88 9.97
CA THR A 70 -6.42 27.98 10.66
C THR A 70 -5.45 27.61 11.77
N ASP A 71 -5.92 26.77 12.70
CA ASP A 71 -5.15 26.35 13.87
C ASP A 71 -3.79 25.71 13.58
N ILE A 72 -3.79 24.61 12.82
CA ILE A 72 -2.57 23.87 12.48
C ILE A 72 -1.38 24.73 12.03
N PRO A 73 -1.52 25.53 10.95
CA PRO A 73 -0.44 26.38 10.45
C PRO A 73 0.31 27.19 11.52
N GLU A 74 -0.43 27.82 12.42
CA GLU A 74 0.16 28.64 13.47
C GLU A 74 0.51 27.97 14.80
N GLN A 75 -0.30 27.00 15.22
CA GLN A 75 -0.07 26.32 16.50
C GLN A 75 0.90 25.12 16.47
N ALA A 76 0.73 24.25 15.48
CA ALA A 76 1.54 23.04 15.32
C ALA A 76 3.03 23.14 15.65
N PRO A 77 3.77 24.09 15.06
CA PRO A 77 5.21 24.26 15.31
C PRO A 77 5.55 24.46 16.78
N LYS A 78 4.66 25.11 17.52
CA LYS A 78 4.89 25.38 18.94
C LYS A 78 4.90 24.09 19.76
N PHE A 79 3.99 23.18 19.45
CA PHE A 79 3.89 21.91 20.17
C PHE A 79 5.07 20.98 19.91
N ALA A 80 5.70 21.12 18.74
CA ALA A 80 6.84 20.30 18.34
C ALA A 80 8.05 20.45 19.25
N GLN A 81 8.06 21.50 20.05
CA GLN A 81 9.18 21.75 20.96
C GLN A 81 8.99 21.03 22.29
N PHE A 82 7.82 20.44 22.52
CA PHE A 82 7.53 19.74 23.78
C PHE A 82 7.49 18.22 23.72
N ALA A 83 7.28 17.67 22.52
CA ALA A 83 7.20 16.22 22.34
C ALA A 83 7.02 15.89 20.87
N CYS A 84 6.99 14.60 20.57
CA CYS A 84 6.75 14.15 19.20
C CYS A 84 5.32 14.54 18.88
N THR A 85 5.07 14.94 17.64
CA THR A 85 3.72 15.34 17.24
C THR A 85 3.24 14.60 15.99
N VAL A 86 1.94 14.43 15.90
CA VAL A 86 1.33 13.78 14.74
C VAL A 86 0.09 14.58 14.36
N ASP A 87 0.06 15.04 13.11
CA ASP A 87 -1.09 15.80 12.64
C ASP A 87 -1.64 15.18 11.36
N THR A 88 -2.85 15.59 10.99
CA THR A 88 -3.49 15.11 9.77
C THR A 88 -3.75 16.27 8.80
N TYR A 89 -2.89 17.27 8.85
CA TYR A 89 -2.97 18.48 7.99
C TYR A 89 -3.25 18.11 6.54
N ASP A 90 -4.34 18.65 6.00
CA ASP A 90 -4.77 18.31 4.65
C ASP A 90 -4.70 19.35 3.54
N ASN A 91 -4.06 20.48 3.79
CA ASN A 91 -3.93 21.51 2.77
C ASN A 91 -2.72 21.12 1.91
N HIS A 92 -2.97 20.28 0.90
CA HIS A 92 -1.91 19.78 0.02
C HIS A 92 -0.93 20.82 -0.49
N ARG A 93 -1.44 21.95 -0.98
CA ARG A 93 -0.60 23.01 -1.52
C ARG A 93 0.26 23.72 -0.47
N ASP A 94 0.04 23.37 0.80
CA ASP A 94 0.79 23.98 1.89
C ASP A 94 1.67 22.99 2.66
N ILE A 95 1.58 21.71 2.30
CA ILE A 95 2.36 20.66 2.96
C ILE A 95 3.86 20.87 2.95
N PRO A 96 4.47 21.20 1.78
CA PRO A 96 5.93 21.42 1.74
C PRO A 96 6.39 22.46 2.75
N ARG A 97 5.63 23.55 2.84
CA ARG A 97 5.93 24.63 3.77
C ARG A 97 5.77 24.17 5.21
N HIS A 98 4.64 23.50 5.49
CA HIS A 98 4.32 22.98 6.82
C HIS A 98 5.46 22.08 7.32
N ARG A 99 5.89 21.17 6.44
CA ARG A 99 6.96 20.24 6.73
C ARG A 99 8.26 20.96 7.08
N GLN A 100 8.64 21.97 6.29
CA GLN A 100 9.86 22.74 6.51
C GLN A 100 9.82 23.43 7.88
N VAL A 101 8.67 24.01 8.19
CA VAL A 101 8.47 24.70 9.47
C VAL A 101 8.51 23.71 10.63
N MET A 102 7.81 22.59 10.49
CA MET A 102 7.77 21.56 11.53
C MET A 102 9.15 20.93 11.72
N ASN A 103 9.90 20.83 10.64
CA ASN A 103 11.24 20.23 10.69
C ASN A 103 12.19 21.07 11.52
N GLU A 104 12.15 22.39 11.36
CA GLU A 104 13.00 23.28 12.14
C GLU A 104 12.69 23.20 13.63
N ALA A 105 11.40 23.21 13.97
CA ALA A 105 10.95 23.13 15.36
C ALA A 105 11.33 21.79 15.99
N ALA A 106 11.00 20.70 15.30
CA ALA A 106 11.28 19.34 15.79
C ALA A 106 12.77 19.05 15.94
N THR A 107 13.56 19.45 14.94
CA THR A 107 15.01 19.24 14.95
C THR A 107 15.67 19.95 16.14
N ALA A 108 15.28 21.20 16.36
CA ALA A 108 15.84 22.01 17.46
C ALA A 108 15.54 21.37 18.81
N ALA A 109 14.32 20.88 18.99
CA ALA A 109 13.88 20.25 20.25
C ALA A 109 14.28 18.78 20.34
N GLY A 110 14.75 18.21 19.23
CA GLY A 110 15.16 16.82 19.19
C GLY A 110 14.02 15.81 19.15
N ASN A 111 12.87 16.24 18.63
CA ASN A 111 11.69 15.37 18.53
C ASN A 111 11.40 14.99 17.10
N VAL A 112 10.42 14.10 16.92
CA VAL A 112 10.00 13.66 15.60
C VAL A 112 8.57 14.14 15.35
N ALA A 113 8.37 14.81 14.23
CA ALA A 113 7.05 15.31 13.87
C ALA A 113 6.57 14.59 12.62
N LEU A 114 5.45 13.88 12.75
CA LEU A 114 4.85 13.17 11.63
C LEU A 114 3.73 14.09 11.13
N VAL A 115 3.92 14.62 9.92
CA VAL A 115 2.94 15.54 9.34
C VAL A 115 2.05 14.95 8.25
N SER A 116 0.82 15.46 8.18
CA SER A 116 -0.14 15.08 7.17
C SER A 116 -0.46 13.59 7.04
N THR A 117 -0.82 12.98 8.17
CA THR A 117 -1.21 11.57 8.20
C THR A 117 -2.73 11.50 7.98
N GLY A 118 -3.28 10.29 7.97
CA GLY A 118 -4.71 10.12 7.74
C GLY A 118 -4.92 9.21 6.53
N TRP A 119 -5.95 9.46 5.74
CA TRP A 119 -6.16 8.64 4.55
C TRP A 119 -5.86 9.40 3.27
N ASP A 120 -5.96 10.73 3.35
CA ASP A 120 -5.60 11.63 2.24
C ASP A 120 -5.57 13.08 2.68
N PRO A 121 -4.36 13.62 2.96
CA PRO A 121 -3.07 12.91 2.85
C PRO A 121 -2.94 11.75 3.84
N GLY A 122 -2.06 10.80 3.51
CA GLY A 122 -1.86 9.65 4.36
C GLY A 122 -1.80 8.40 3.52
N MET A 123 -2.76 7.50 3.75
CA MET A 123 -2.85 6.21 3.03
C MET A 123 -2.88 6.36 1.52
N PHE A 124 -3.67 7.30 1.01
CA PHE A 124 -3.76 7.54 -0.43
C PHE A 124 -2.44 8.03 -1.01
N SER A 125 -1.73 8.88 -0.28
CA SER A 125 -0.44 9.42 -0.70
C SER A 125 0.57 8.29 -0.86
N ILE A 126 0.52 7.32 0.06
CA ILE A 126 1.42 6.17 0.06
C ILE A 126 1.18 5.28 -1.16
N ASN A 127 -0.09 4.97 -1.42
CA ASN A 127 -0.44 4.13 -2.56
C ASN A 127 -0.11 4.84 -3.88
N ARG A 128 -0.32 6.16 -3.92
CA ARG A 128 -0.01 6.96 -5.11
C ARG A 128 1.46 6.81 -5.50
N VAL A 129 2.35 6.96 -4.52
CA VAL A 129 3.79 6.87 -4.74
C VAL A 129 4.25 5.45 -5.06
N TYR A 130 3.69 4.45 -4.38
CA TYR A 130 4.05 3.05 -4.61
C TYR A 130 3.67 2.61 -6.04
N ALA A 131 2.41 2.86 -6.41
CA ALA A 131 1.89 2.48 -7.72
C ALA A 131 2.59 3.20 -8.88
N ALA A 132 2.92 4.47 -8.69
CA ALA A 132 3.58 5.27 -9.71
C ALA A 132 5.05 4.89 -9.87
N ALA A 133 5.69 4.49 -8.77
CA ALA A 133 7.11 4.08 -8.78
C ALA A 133 7.29 2.76 -9.52
N VAL A 134 6.39 1.82 -9.26
CA VAL A 134 6.41 0.49 -9.88
C VAL A 134 6.09 0.56 -11.38
N LEU A 135 4.97 1.20 -11.73
CA LEU A 135 4.55 1.34 -13.12
C LEU A 135 5.17 2.58 -13.75
N ALA A 136 6.37 2.44 -14.32
CA ALA A 136 7.10 3.54 -14.95
C ALA A 136 6.17 4.39 -15.82
N GLU A 137 5.63 3.80 -16.88
CA GLU A 137 4.69 4.48 -17.75
C GLU A 137 3.35 4.25 -17.06
N HIS A 138 2.73 5.32 -16.58
CA HIS A 138 1.45 5.15 -15.88
C HIS A 138 0.48 6.32 -15.99
N GLN A 139 -0.77 6.01 -15.64
CA GLN A 139 -1.85 6.97 -15.59
C GLN A 139 -2.43 6.77 -14.20
N GLN A 140 -2.64 7.87 -13.47
CA GLN A 140 -3.15 7.77 -12.11
C GLN A 140 -4.20 8.81 -11.78
N HIS A 141 -5.23 8.38 -11.05
CA HIS A 141 -6.33 9.25 -10.62
C HIS A 141 -6.82 8.80 -9.26
N THR A 142 -7.30 9.75 -8.47
CA THR A 142 -7.86 9.44 -7.17
C THR A 142 -9.26 10.06 -7.15
N PHE A 143 -10.23 9.18 -6.90
CA PHE A 143 -11.64 9.54 -6.81
C PHE A 143 -12.01 9.54 -5.34
N TRP A 144 -12.84 10.50 -4.94
CA TRP A 144 -13.26 10.58 -3.55
C TRP A 144 -14.72 10.18 -3.39
N GLY A 145 -15.05 9.66 -2.23
CA GLY A 145 -16.42 9.24 -1.97
C GLY A 145 -16.67 7.78 -2.31
N PRO A 146 -17.92 7.31 -2.14
CA PRO A 146 -19.10 8.03 -1.66
C PRO A 146 -18.81 8.72 -0.35
N GLY A 147 -19.18 9.99 -0.23
CA GLY A 147 -18.90 10.68 1.01
C GLY A 147 -19.45 12.09 1.15
N LEU A 148 -19.61 12.48 2.40
CA LEU A 148 -20.12 13.79 2.75
C LEU A 148 -19.04 14.84 2.50
N SER A 149 -19.41 15.90 1.80
CA SER A 149 -18.50 17.00 1.51
C SER A 149 -18.97 18.22 2.31
N GLN A 150 -18.17 18.59 3.32
CA GLN A 150 -18.49 19.73 4.17
C GLN A 150 -18.56 21.06 3.42
N GLY A 151 -17.62 21.27 2.49
CA GLY A 151 -17.58 22.49 1.71
C GLY A 151 -18.83 22.69 0.84
N HIS A 152 -19.24 21.63 0.15
CA HIS A 152 -20.41 21.66 -0.71
C HIS A 152 -21.71 21.71 0.10
N SER A 153 -21.72 21.07 1.27
CA SER A 153 -22.89 21.07 2.16
C SER A 153 -23.19 22.49 2.65
N ASP A 154 -22.13 23.23 2.99
CA ASP A 154 -22.26 24.59 3.48
C ASP A 154 -22.86 25.50 2.42
N ALA A 155 -22.52 25.27 1.16
CA ALA A 155 -23.05 26.07 0.04
C ALA A 155 -24.56 25.83 -0.08
N LEU A 156 -24.97 24.60 0.18
CA LEU A 156 -26.38 24.21 0.13
C LEU A 156 -27.14 24.91 1.26
N ARG A 157 -26.63 24.76 2.48
CA ARG A 157 -27.23 25.34 3.68
C ARG A 157 -27.37 26.87 3.64
N ARG A 158 -26.50 27.53 2.89
CA ARG A 158 -26.56 28.98 2.78
C ARG A 158 -27.58 29.48 1.76
N ILE A 159 -28.28 28.56 1.10
CA ILE A 159 -29.33 28.92 0.13
C ILE A 159 -30.56 29.25 0.95
N PRO A 160 -31.21 30.40 0.65
CA PRO A 160 -32.42 30.80 1.39
C PRO A 160 -33.55 29.77 1.31
N GLY A 161 -34.11 29.44 2.47
CA GLY A 161 -35.19 28.47 2.52
C GLY A 161 -34.76 27.06 2.89
N VAL A 162 -33.46 26.79 2.84
CA VAL A 162 -32.92 25.48 3.20
C VAL A 162 -32.81 25.39 4.73
N GLN A 163 -33.51 24.43 5.32
CA GLN A 163 -33.51 24.22 6.77
C GLN A 163 -32.36 23.31 7.19
N LYS A 164 -32.16 22.23 6.43
CA LYS A 164 -31.09 21.26 6.66
C LYS A 164 -30.71 20.74 5.29
N ALA A 165 -29.42 20.43 5.12
CA ALA A 165 -28.95 19.92 3.84
C ALA A 165 -27.61 19.22 3.96
N VAL A 166 -27.34 18.38 2.96
CA VAL A 166 -26.11 17.64 2.90
C VAL A 166 -25.92 17.22 1.45
N GLN A 167 -24.67 17.17 1.01
CA GLN A 167 -24.39 16.74 -0.36
C GLN A 167 -23.28 15.72 -0.32
N TYR A 168 -23.48 14.61 -1.04
CA TYR A 168 -22.48 13.57 -1.12
C TYR A 168 -21.77 13.60 -2.46
N THR A 169 -20.45 13.47 -2.43
CA THR A 169 -19.64 13.43 -3.64
C THR A 169 -19.47 11.94 -3.95
N LEU A 170 -19.93 11.52 -5.13
CA LEU A 170 -19.85 10.11 -5.50
C LEU A 170 -19.09 9.97 -6.80
N PRO A 171 -18.09 9.06 -6.83
CA PRO A 171 -17.34 8.90 -8.08
C PRO A 171 -18.22 8.25 -9.15
N SER A 172 -18.10 8.75 -10.38
CA SER A 172 -18.88 8.22 -11.48
C SER A 172 -18.39 6.81 -11.80
N GLU A 173 -19.27 5.83 -11.64
CA GLU A 173 -18.97 4.43 -11.90
C GLU A 173 -18.45 4.25 -13.33
N ASP A 174 -18.88 5.13 -14.22
CA ASP A 174 -18.46 5.08 -15.61
C ASP A 174 -16.98 5.49 -15.71
N ALA A 175 -16.62 6.56 -15.00
CA ALA A 175 -15.25 7.08 -14.98
C ALA A 175 -14.29 6.09 -14.30
N LEU A 176 -14.76 5.41 -13.24
CA LEU A 176 -13.96 4.43 -12.53
C LEU A 176 -13.55 3.33 -13.51
N GLU A 177 -14.53 2.79 -14.26
CA GLU A 177 -14.27 1.73 -15.23
C GLU A 177 -13.30 2.13 -16.32
N LYS A 178 -13.48 3.32 -16.88
CA LYS A 178 -12.58 3.84 -17.92
C LYS A 178 -11.16 3.94 -17.39
N ALA A 179 -11.02 4.39 -16.13
CA ALA A 179 -9.72 4.53 -15.49
C ALA A 179 -9.06 3.16 -15.32
N ARG A 180 -9.87 2.15 -15.00
CA ARG A 180 -9.37 0.78 -14.81
C ARG A 180 -8.82 0.23 -16.12
N ARG A 181 -9.42 0.64 -17.24
CA ARG A 181 -8.97 0.20 -18.57
C ARG A 181 -7.86 1.08 -19.12
N GLY A 182 -7.66 2.26 -18.52
CA GLY A 182 -6.63 3.18 -18.96
C GLY A 182 -7.10 4.14 -20.03
N GLU A 183 -8.40 4.39 -20.07
CA GLU A 183 -9.00 5.29 -21.07
C GLU A 183 -9.68 6.49 -20.41
N ALA A 184 -9.13 6.94 -19.29
CA ALA A 184 -9.69 8.08 -18.57
C ALA A 184 -8.74 9.28 -18.59
N GLY A 185 -7.80 9.25 -19.53
CA GLY A 185 -6.83 10.33 -19.66
C GLY A 185 -7.45 11.68 -19.94
N ASP A 186 -8.54 11.64 -20.72
CA ASP A 186 -9.25 12.86 -21.09
C ASP A 186 -10.65 12.96 -20.45
N LEU A 187 -10.66 13.05 -19.12
CA LEU A 187 -11.90 13.20 -18.37
C LEU A 187 -11.69 14.35 -17.39
N THR A 188 -12.62 15.31 -17.43
CA THR A 188 -12.57 16.47 -16.55
C THR A 188 -13.11 16.12 -15.17
N GLY A 189 -12.79 16.95 -14.19
CA GLY A 189 -13.26 16.74 -12.82
C GLY A 189 -14.79 16.80 -12.76
N LYS A 190 -15.37 17.36 -13.81
CA LYS A 190 -16.82 17.49 -13.92
C LYS A 190 -17.50 16.20 -14.36
N GLN A 191 -16.69 15.21 -14.77
CA GLN A 191 -17.25 13.93 -15.20
C GLN A 191 -16.76 12.71 -14.46
N THR A 192 -15.87 12.92 -13.48
CA THR A 192 -15.35 11.83 -12.66
C THR A 192 -16.14 11.69 -11.35
N HIS A 193 -16.92 12.71 -11.01
CA HIS A 193 -17.73 12.70 -9.79
C HIS A 193 -19.15 13.22 -10.03
N LYS A 194 -20.09 12.65 -9.29
CA LYS A 194 -21.49 13.03 -9.32
C LYS A 194 -21.80 13.70 -8.00
N ARG A 195 -22.85 14.51 -7.97
CA ARG A 195 -23.22 15.20 -6.76
C ARG A 195 -24.67 14.89 -6.35
N GLN A 196 -24.81 14.37 -5.13
CA GLN A 196 -26.12 14.01 -4.60
C GLN A 196 -26.47 14.92 -3.43
N CYS A 197 -27.58 15.64 -3.55
CA CYS A 197 -28.01 16.57 -2.52
C CYS A 197 -29.29 16.12 -1.83
N PHE A 198 -29.34 16.34 -0.52
CA PHE A 198 -30.51 16.02 0.29
C PHE A 198 -30.87 17.30 1.04
N VAL A 199 -32.01 17.86 0.67
CA VAL A 199 -32.48 19.12 1.23
C VAL A 199 -33.78 19.00 2.02
N VAL A 200 -33.86 19.74 3.12
CA VAL A 200 -35.03 19.81 3.98
C VAL A 200 -35.54 21.25 3.86
N ALA A 201 -36.69 21.43 3.22
CA ALA A 201 -37.28 22.75 3.02
C ALA A 201 -38.79 22.66 2.79
N ASP A 202 -39.50 23.79 2.95
CA ASP A 202 -40.94 23.82 2.73
C ASP A 202 -41.27 23.59 1.26
N ALA A 203 -42.23 22.70 1.02
CA ALA A 203 -42.63 22.33 -0.35
C ALA A 203 -42.78 23.49 -1.31
N ALA A 204 -43.19 24.65 -0.79
CA ALA A 204 -43.39 25.85 -1.58
C ALA A 204 -42.07 26.42 -2.12
N ASP A 205 -40.95 26.12 -1.45
CA ASP A 205 -39.65 26.63 -1.88
C ASP A 205 -38.83 25.64 -2.72
N HIS A 206 -39.39 24.45 -2.95
CA HIS A 206 -38.71 23.41 -3.70
C HIS A 206 -38.26 23.77 -5.11
N GLU A 207 -39.13 24.39 -5.89
CA GLU A 207 -38.83 24.76 -7.27
C GLU A 207 -37.64 25.71 -7.40
N ARG A 208 -37.65 26.77 -6.59
CA ARG A 208 -36.57 27.75 -6.56
C ARG A 208 -35.27 27.14 -6.09
N ILE A 209 -35.27 26.56 -4.88
CA ILE A 209 -34.09 25.93 -4.27
C ILE A 209 -33.43 24.98 -5.25
N GLU A 210 -34.20 24.07 -5.83
CA GLU A 210 -33.69 23.10 -6.81
C GLU A 210 -32.98 23.83 -7.94
N ASN A 211 -33.56 24.95 -8.39
CA ASN A 211 -32.96 25.73 -9.46
C ASN A 211 -31.71 26.48 -8.98
N ASP A 212 -31.72 27.00 -7.74
CA ASP A 212 -30.57 27.71 -7.18
C ASP A 212 -29.36 26.76 -7.15
N ILE A 213 -29.61 25.50 -6.76
CA ILE A 213 -28.58 24.47 -6.68
C ILE A 213 -27.96 24.17 -8.05
N ARG A 214 -28.81 23.81 -9.01
CA ARG A 214 -28.37 23.45 -10.37
C ARG A 214 -27.64 24.54 -11.13
N THR A 215 -27.84 25.80 -10.73
CA THR A 215 -27.17 26.93 -11.37
C THR A 215 -26.10 27.57 -10.51
N MET A 216 -25.86 27.00 -9.32
CA MET A 216 -24.83 27.53 -8.41
C MET A 216 -23.45 27.34 -9.04
N PRO A 217 -22.79 28.45 -9.43
CA PRO A 217 -21.45 28.42 -10.06
C PRO A 217 -20.43 27.78 -9.16
N ASP A 218 -19.44 27.13 -9.77
CA ASP A 218 -18.32 26.47 -9.09
C ASP A 218 -18.68 25.19 -8.33
N TYR A 219 -19.77 25.26 -7.57
CA TYR A 219 -20.24 24.13 -6.79
C TYR A 219 -20.99 23.04 -7.55
N PHE A 220 -22.05 23.43 -8.26
CA PHE A 220 -22.87 22.46 -8.97
C PHE A 220 -22.99 22.61 -10.47
N VAL A 221 -22.74 23.81 -11.00
CA VAL A 221 -22.84 24.06 -12.44
C VAL A 221 -21.86 23.18 -13.21
N GLY A 222 -22.39 22.44 -14.18
CA GLY A 222 -21.57 21.57 -15.00
C GLY A 222 -21.44 20.13 -14.51
N TYR A 223 -22.00 19.85 -13.34
CA TYR A 223 -21.96 18.50 -12.75
C TYR A 223 -23.29 17.80 -12.90
N GLU A 224 -23.24 16.47 -12.79
CA GLU A 224 -24.44 15.67 -12.84
C GLU A 224 -24.95 15.81 -11.41
N VAL A 225 -26.09 16.45 -11.23
CA VAL A 225 -26.64 16.66 -9.90
C VAL A 225 -27.99 15.99 -9.71
N GLU A 226 -28.21 15.50 -8.51
CA GLU A 226 -29.44 14.83 -8.14
C GLU A 226 -29.90 15.44 -6.82
N VAL A 227 -31.08 16.07 -6.84
CA VAL A 227 -31.63 16.70 -5.65
C VAL A 227 -32.80 15.89 -5.06
N ASN A 228 -32.82 15.79 -3.74
CA ASN A 228 -33.85 15.04 -3.03
C ASN A 228 -34.38 15.89 -1.87
N PHE A 229 -35.69 16.10 -1.84
CA PHE A 229 -36.32 16.88 -0.79
C PHE A 229 -36.95 15.88 0.17
N ILE A 230 -36.26 15.68 1.28
CA ILE A 230 -36.73 14.73 2.27
C ILE A 230 -37.31 15.37 3.52
N ASP A 231 -37.97 14.54 4.31
CA ASP A 231 -38.60 14.97 5.55
C ASP A 231 -37.51 15.14 6.60
N GLU A 232 -37.70 16.11 7.51
CA GLU A 232 -36.72 16.37 8.56
C GLU A 232 -36.39 15.09 9.31
N ALA A 233 -37.42 14.27 9.56
CA ALA A 233 -37.29 13.01 10.27
C ALA A 233 -36.31 12.07 9.54
N THR A 234 -36.44 11.99 8.21
CA THR A 234 -35.57 11.15 7.38
C THR A 234 -34.14 11.69 7.38
N PHE A 235 -34.01 13.01 7.40
CA PHE A 235 -32.69 13.64 7.41
C PHE A 235 -31.93 13.33 8.70
N ASP A 236 -32.55 13.62 9.84
CA ASP A 236 -31.96 13.39 11.15
C ASP A 236 -31.59 11.93 11.35
N SER A 237 -32.42 11.05 10.81
CA SER A 237 -32.23 9.62 10.93
C SER A 237 -31.09 9.03 10.09
N GLU A 238 -31.00 9.42 8.82
CA GLU A 238 -29.98 8.84 7.96
C GLU A 238 -29.01 9.77 7.25
N HIS A 239 -28.83 10.98 7.79
CA HIS A 239 -27.91 11.93 7.19
C HIS A 239 -27.17 12.77 8.20
N THR A 240 -26.92 12.18 9.37
CA THR A 240 -26.20 12.85 10.45
C THR A 240 -24.89 12.12 10.77
N GLY A 241 -24.45 11.33 9.80
CA GLY A 241 -23.23 10.56 9.87
C GLY A 241 -22.07 11.24 9.17
N MET A 242 -20.89 10.62 9.25
CA MET A 242 -19.68 11.16 8.64
C MET A 242 -18.97 10.12 7.78
N PRO A 243 -19.70 9.52 6.83
CA PRO A 243 -19.08 8.52 5.97
C PRO A 243 -18.22 9.14 4.87
N HIS A 244 -17.26 8.37 4.38
CA HIS A 244 -16.37 8.84 3.32
C HIS A 244 -15.53 7.69 2.79
N GLY A 245 -14.65 7.99 1.85
CA GLY A 245 -13.80 6.98 1.27
C GLY A 245 -13.38 7.42 -0.12
N GLY A 246 -12.88 6.49 -0.92
CA GLY A 246 -12.45 6.84 -2.26
C GLY A 246 -11.65 5.75 -2.94
N HIS A 247 -11.19 6.04 -4.16
CA HIS A 247 -10.40 5.10 -4.95
C HIS A 247 -9.17 5.75 -5.52
N VAL A 248 -8.05 5.02 -5.51
CA VAL A 248 -6.82 5.50 -6.12
C VAL A 248 -6.56 4.44 -7.21
N ILE A 249 -6.74 4.84 -8.46
CA ILE A 249 -6.56 3.93 -9.59
C ILE A 249 -5.32 4.28 -10.42
N THR A 250 -4.48 3.27 -10.63
CA THR A 250 -3.28 3.44 -11.43
C THR A 250 -3.19 2.35 -12.50
N THR A 251 -2.99 2.77 -13.74
CA THR A 251 -2.86 1.85 -14.87
C THR A 251 -1.50 2.04 -15.53
N GLY A 252 -0.97 0.96 -16.11
CA GLY A 252 0.31 1.04 -16.76
C GLY A 252 0.42 0.00 -17.85
N ASP A 253 1.27 0.27 -18.84
CA ASP A 253 1.48 -0.65 -19.95
C ASP A 253 2.94 -1.09 -19.94
N THR A 254 3.17 -2.40 -20.08
CA THR A 254 4.52 -2.94 -20.08
C THR A 254 4.93 -3.52 -21.44
N GLY A 255 4.40 -2.92 -22.50
CA GLY A 255 4.70 -3.36 -23.86
C GLY A 255 3.59 -4.22 -24.44
N GLY A 256 2.38 -3.69 -24.45
CA GLY A 256 1.23 -4.41 -24.96
C GLY A 256 0.50 -5.19 -23.88
N PHE A 257 0.81 -4.89 -22.61
CA PHE A 257 0.20 -5.56 -21.47
C PHE A 257 -0.17 -4.51 -20.45
N ASN A 258 -1.45 -4.49 -20.07
CA ASN A 258 -1.94 -3.51 -19.11
C ASN A 258 -1.97 -4.07 -17.67
N HIS A 259 -1.78 -3.19 -16.71
CA HIS A 259 -1.80 -3.56 -15.30
C HIS A 259 -2.59 -2.50 -14.57
N THR A 260 -3.52 -2.94 -13.72
CA THR A 260 -4.33 -2.01 -12.94
C THR A 260 -4.10 -2.22 -11.45
N VAL A 261 -3.87 -1.11 -10.74
CA VAL A 261 -3.67 -1.14 -9.30
C VAL A 261 -4.77 -0.27 -8.71
N GLU A 262 -5.61 -0.87 -7.87
CA GLU A 262 -6.69 -0.11 -7.25
C GLU A 262 -6.71 -0.26 -5.74
N TYR A 263 -6.71 0.90 -5.07
CA TYR A 263 -6.76 0.98 -3.63
C TYR A 263 -8.09 1.63 -3.30
N ILE A 264 -8.92 0.91 -2.55
CA ILE A 264 -10.25 1.40 -2.18
C ILE A 264 -10.44 1.55 -0.67
N LEU A 265 -11.10 2.63 -0.28
CA LEU A 265 -11.42 2.89 1.12
C LEU A 265 -12.92 3.13 1.27
N LYS A 266 -13.52 2.37 2.19
CA LYS A 266 -14.95 2.47 2.50
C LYS A 266 -15.05 2.71 3.99
N LEU A 267 -15.26 3.98 4.37
CA LEU A 267 -15.32 4.36 5.78
C LEU A 267 -16.71 4.74 6.27
N ASP A 268 -17.18 4.06 7.31
CA ASP A 268 -18.50 4.38 7.89
C ASP A 268 -18.39 5.68 8.66
N ARG A 269 -17.21 5.97 9.16
CA ARG A 269 -16.99 7.19 9.94
C ARG A 269 -15.58 7.72 9.70
N ASN A 270 -15.52 8.81 8.94
CA ASN A 270 -14.29 9.49 8.58
C ASN A 270 -13.31 9.73 9.74
N PRO A 271 -13.74 10.45 10.81
CA PRO A 271 -12.82 10.69 11.94
C PRO A 271 -12.26 9.44 12.63
N ASP A 272 -13.01 8.33 12.59
CA ASP A 272 -12.56 7.08 13.20
C ASP A 272 -11.38 6.47 12.46
N PHE A 273 -11.47 6.43 11.13
CA PHE A 273 -10.37 5.87 10.34
C PHE A 273 -9.18 6.80 10.35
N THR A 274 -9.44 8.11 10.29
CA THR A 274 -8.37 9.09 10.32
C THR A 274 -7.61 8.98 11.64
N ALA A 275 -8.35 8.79 12.73
CA ALA A 275 -7.77 8.66 14.06
C ALA A 275 -6.91 7.41 14.13
N SER A 276 -7.40 6.31 13.54
CA SER A 276 -6.71 5.03 13.53
C SER A 276 -5.36 5.16 12.83
N SER A 277 -5.35 5.87 11.71
CA SER A 277 -4.14 6.10 10.94
C SER A 277 -3.18 6.99 11.73
N GLN A 278 -3.70 8.09 12.28
CA GLN A 278 -2.91 9.04 13.06
C GLN A 278 -2.23 8.35 14.25
N ILE A 279 -2.97 7.47 14.93
CA ILE A 279 -2.48 6.72 16.08
C ILE A 279 -1.31 5.81 15.69
N ALA A 280 -1.47 5.07 14.59
CA ALA A 280 -0.45 4.13 14.10
C ALA A 280 0.84 4.90 13.82
N PHE A 281 0.70 6.07 13.21
CA PHE A 281 1.85 6.92 12.91
C PHE A 281 2.43 7.55 14.18
N GLY A 282 1.60 7.61 15.23
CA GLY A 282 2.04 8.13 16.52
C GLY A 282 3.04 7.14 17.09
N ARG A 283 2.75 5.85 16.94
CA ARG A 283 3.62 4.77 17.39
C ARG A 283 4.95 4.86 16.62
N ALA A 284 4.87 5.11 15.32
CA ALA A 284 6.05 5.22 14.46
C ALA A 284 6.93 6.39 14.86
N ALA A 285 6.32 7.53 15.17
CA ALA A 285 7.06 8.73 15.58
C ALA A 285 7.88 8.46 16.83
N HIS A 286 7.25 7.80 17.80
CA HIS A 286 7.90 7.45 19.06
C HIS A 286 9.10 6.54 18.78
N ARG A 287 8.87 5.48 18.01
CA ARG A 287 9.92 4.52 17.67
C ARG A 287 11.08 5.19 16.95
N MET A 288 10.78 6.08 16.02
CA MET A 288 11.82 6.81 15.28
C MET A 288 12.67 7.67 16.21
N LYS A 289 12.05 8.29 17.20
CA LYS A 289 12.77 9.13 18.16
C LYS A 289 13.74 8.27 18.98
N GLN A 290 13.26 7.10 19.39
CA GLN A 290 14.05 6.13 20.15
C GLN A 290 15.29 5.76 19.35
N GLN A 291 15.11 5.54 18.05
CA GLN A 291 16.21 5.16 17.15
C GLN A 291 17.22 6.30 16.89
N GLY A 292 17.04 7.43 17.59
CA GLY A 292 17.94 8.56 17.44
C GLY A 292 17.58 9.55 16.34
N GLN A 293 16.40 9.37 15.73
CA GLN A 293 15.96 10.28 14.68
C GLN A 293 15.25 11.52 15.22
N SER A 294 15.27 12.58 14.42
CA SER A 294 14.61 13.82 14.78
C SER A 294 14.30 14.64 13.53
N GLY A 295 13.25 15.44 13.60
CA GLY A 295 12.85 16.26 12.47
C GLY A 295 11.41 16.00 12.07
N ALA A 296 11.00 16.52 10.92
CA ALA A 296 9.64 16.33 10.42
C ALA A 296 9.63 15.41 9.21
N PHE A 297 8.69 14.48 9.18
CA PHE A 297 8.60 13.53 8.09
C PHE A 297 7.17 13.38 7.60
N THR A 298 7.03 13.00 6.33
CA THR A 298 5.73 12.75 5.74
C THR A 298 5.52 11.23 5.79
N VAL A 299 4.34 10.76 5.42
CA VAL A 299 4.05 9.32 5.43
C VAL A 299 4.89 8.53 4.42
N LEU A 300 5.52 9.23 3.49
CA LEU A 300 6.36 8.60 2.48
C LEU A 300 7.76 8.23 3.00
N GLU A 301 8.09 8.72 4.19
CA GLU A 301 9.41 8.48 4.77
C GLU A 301 9.47 7.53 5.96
N VAL A 302 8.41 6.78 6.20
CA VAL A 302 8.40 5.84 7.31
C VAL A 302 8.21 4.44 6.77
N ALA A 303 9.12 3.54 7.13
CA ALA A 303 9.02 2.14 6.72
C ALA A 303 7.72 1.61 7.35
N PRO A 304 6.94 0.83 6.57
CA PRO A 304 5.67 0.24 7.01
C PRO A 304 5.63 -0.42 8.38
N TYR A 305 6.63 -1.24 8.68
CA TYR A 305 6.67 -1.99 9.95
C TYR A 305 6.63 -1.14 11.22
N LEU A 306 7.00 0.13 11.08
CA LEU A 306 7.04 1.07 12.20
C LEU A 306 5.68 1.41 12.82
N LEU A 307 4.60 1.25 12.05
CA LEU A 307 3.26 1.57 12.54
C LEU A 307 2.64 0.44 13.34
N SER A 308 3.15 -0.77 13.14
CA SER A 308 2.62 -1.98 13.80
C SER A 308 3.07 -2.22 15.23
N PRO A 309 2.11 -2.61 16.09
CA PRO A 309 2.40 -2.91 17.51
C PRO A 309 3.15 -4.22 17.68
N GLU A 310 3.25 -4.98 16.60
CA GLU A 310 3.97 -6.24 16.59
C GLU A 310 5.44 -6.01 16.27
N ASN A 311 6.29 -6.95 16.68
CA ASN A 311 7.72 -6.88 16.41
C ASN A 311 7.94 -7.29 14.96
N LEU A 312 9.01 -6.78 14.37
CA LEU A 312 9.36 -7.04 12.97
C LEU A 312 9.39 -8.53 12.65
N ASP A 313 10.03 -9.32 13.52
CA ASP A 313 10.16 -10.75 13.35
C ASP A 313 8.80 -11.45 13.17
N ASP A 314 7.81 -11.06 13.96
CA ASP A 314 6.47 -11.64 13.86
C ASP A 314 5.81 -11.25 12.53
N LEU A 315 6.04 -10.01 12.12
CA LEU A 315 5.52 -9.47 10.87
C LEU A 315 6.09 -10.23 9.67
N ILE A 316 7.42 -10.37 9.64
CA ILE A 316 8.09 -11.05 8.53
C ILE A 316 7.66 -12.51 8.43
N ALA A 317 7.56 -13.16 9.59
CA ALA A 317 7.20 -14.56 9.65
C ALA A 317 5.74 -14.84 9.27
N ARG A 318 4.87 -13.89 9.56
CA ARG A 318 3.45 -14.10 9.28
C ARG A 318 2.81 -13.35 8.11
N ASP A 319 3.21 -12.11 7.87
CA ASP A 319 2.58 -11.29 6.82
C ASP A 319 3.26 -11.09 5.48
N VAL A 320 4.57 -11.36 5.42
CA VAL A 320 5.31 -11.17 4.17
C VAL A 320 5.00 -12.26 3.17
N MET B 1 24.16 12.95 -12.46
CA MET B 1 23.14 11.87 -12.30
C MET B 1 23.64 10.54 -12.87
N THR B 2 24.58 9.92 -12.17
CA THR B 2 25.15 8.64 -12.57
C THR B 2 24.11 7.52 -12.50
N ASN B 3 24.01 6.74 -13.57
CA ASN B 3 23.07 5.63 -13.64
C ASN B 3 23.51 4.45 -12.79
N ILE B 4 22.54 3.67 -12.34
CA ILE B 4 22.80 2.48 -11.55
C ILE B 4 23.09 1.37 -12.55
N ARG B 5 24.21 0.68 -12.36
CA ARG B 5 24.60 -0.42 -13.25
C ARG B 5 23.98 -1.73 -12.74
N VAL B 6 23.08 -2.29 -13.53
CA VAL B 6 22.38 -3.51 -13.15
C VAL B 6 22.61 -4.71 -14.08
N ALA B 7 22.56 -5.91 -13.50
CA ALA B 7 22.72 -7.14 -14.27
C ALA B 7 21.64 -8.12 -13.85
N ILE B 8 21.27 -9.01 -14.76
CA ILE B 8 20.26 -10.02 -14.52
C ILE B 8 20.90 -11.41 -14.36
N VAL B 9 20.48 -12.12 -13.33
CA VAL B 9 20.97 -13.47 -13.07
C VAL B 9 19.80 -14.45 -13.27
N GLY B 10 19.83 -15.19 -14.37
CA GLY B 10 18.76 -16.12 -14.67
C GLY B 10 17.88 -15.52 -15.75
N TYR B 11 17.88 -16.14 -16.92
CA TYR B 11 17.10 -15.62 -18.03
C TYR B 11 15.85 -16.41 -18.39
N GLY B 12 14.87 -16.40 -17.49
CA GLY B 12 13.62 -17.09 -17.75
C GLY B 12 12.56 -16.05 -18.03
N ASN B 13 11.31 -16.31 -17.65
CA ASN B 13 10.23 -15.35 -17.89
C ASN B 13 10.49 -14.04 -17.16
N LEU B 14 10.85 -14.13 -15.88
CA LEU B 14 11.13 -12.95 -15.05
C LEU B 14 12.32 -12.18 -15.61
N GLY B 15 13.41 -12.89 -15.91
CA GLY B 15 14.62 -12.29 -16.46
C GLY B 15 14.38 -11.50 -17.73
N ARG B 16 13.55 -12.02 -18.63
CA ARG B 16 13.24 -11.34 -19.89
C ARG B 16 12.41 -10.10 -19.61
N SER B 17 11.53 -10.18 -18.61
CA SER B 17 10.67 -9.06 -18.25
C SER B 17 11.49 -7.91 -17.68
N VAL B 18 12.46 -8.21 -16.80
CA VAL B 18 13.28 -7.14 -16.22
C VAL B 18 14.21 -6.55 -17.27
N GLU B 19 14.66 -7.38 -18.21
CA GLU B 19 15.55 -6.89 -19.27
C GLU B 19 14.81 -5.84 -20.09
N LYS B 20 13.63 -6.23 -20.56
CA LYS B 20 12.75 -5.38 -21.35
C LYS B 20 12.34 -4.10 -20.61
N LEU B 21 12.10 -4.21 -19.31
CA LEU B 21 11.66 -3.08 -18.49
C LEU B 21 12.73 -2.09 -18.04
N ILE B 22 13.99 -2.52 -18.03
CA ILE B 22 15.09 -1.64 -17.64
C ILE B 22 15.22 -0.48 -18.63
N ALA B 23 14.80 -0.72 -19.87
CA ALA B 23 14.86 0.31 -20.92
C ALA B 23 13.91 1.47 -20.58
N LYS B 24 12.87 1.20 -19.79
CA LYS B 24 11.90 2.21 -19.39
C LYS B 24 12.38 3.03 -18.17
N GLN B 25 13.56 2.72 -17.67
CA GLN B 25 14.12 3.40 -16.50
C GLN B 25 15.06 4.50 -16.94
N PRO B 26 14.92 5.70 -16.32
CA PRO B 26 15.78 6.84 -16.65
C PRO B 26 17.14 6.83 -15.93
N ASP B 27 17.30 5.91 -14.97
CA ASP B 27 18.53 5.85 -14.18
C ASP B 27 19.22 4.49 -14.12
N MET B 28 18.96 3.63 -15.09
CA MET B 28 19.59 2.30 -15.07
C MET B 28 20.22 1.88 -16.39
N ASP B 29 21.35 1.18 -16.27
CA ASP B 29 22.11 0.66 -17.41
C ASP B 29 22.27 -0.85 -17.26
N LEU B 30 21.79 -1.58 -18.26
CA LEU B 30 21.89 -3.04 -18.26
C LEU B 30 23.30 -3.42 -18.71
N VAL B 31 24.10 -3.96 -17.79
CA VAL B 31 25.47 -4.37 -18.11
C VAL B 31 25.56 -5.74 -18.77
N GLY B 32 24.63 -6.62 -18.44
CA GLY B 32 24.64 -7.95 -19.03
C GLY B 32 23.77 -8.95 -18.31
N ILE B 33 23.82 -10.19 -18.80
CA ILE B 33 23.03 -11.28 -18.24
C ILE B 33 23.93 -12.44 -17.83
N PHE B 34 23.76 -12.90 -16.60
CA PHE B 34 24.52 -14.04 -16.08
C PHE B 34 23.62 -15.26 -16.16
N SER B 35 23.96 -16.19 -17.04
CA SER B 35 23.15 -17.39 -17.25
C SER B 35 23.95 -18.69 -17.22
N ARG B 36 23.24 -19.79 -16.98
CA ARG B 36 23.83 -21.12 -16.95
C ARG B 36 23.92 -21.66 -18.38
N ARG B 37 23.23 -20.99 -19.30
CA ARG B 37 23.21 -21.37 -20.72
C ARG B 37 24.10 -20.41 -21.50
N ALA B 38 24.78 -20.95 -22.51
CA ALA B 38 25.71 -20.18 -23.35
C ALA B 38 25.04 -19.34 -24.41
N THR B 39 24.01 -19.90 -25.03
CA THR B 39 23.30 -19.22 -26.12
C THR B 39 21.93 -18.70 -25.72
N LEU B 40 21.82 -17.38 -25.66
CA LEU B 40 20.57 -16.72 -25.33
C LEU B 40 20.07 -15.90 -26.51
N ASP B 41 18.76 -15.77 -26.62
CA ASP B 41 18.14 -15.01 -27.70
C ASP B 41 18.01 -13.54 -27.32
N THR B 42 19.13 -12.85 -27.29
CA THR B 42 19.16 -11.44 -26.92
C THR B 42 20.46 -10.78 -27.35
N LYS B 43 20.40 -9.47 -27.58
CA LYS B 43 21.56 -8.70 -28.00
C LYS B 43 22.37 -8.25 -26.78
N THR B 44 21.80 -8.45 -25.59
CA THR B 44 22.46 -8.07 -24.35
C THR B 44 23.63 -9.03 -24.10
N PRO B 45 24.79 -8.50 -23.68
CA PRO B 45 25.96 -9.34 -23.41
C PRO B 45 25.59 -10.42 -22.40
N VAL B 46 26.00 -11.66 -22.68
CA VAL B 46 25.72 -12.78 -21.80
C VAL B 46 27.03 -13.23 -21.15
N PHE B 47 26.96 -13.58 -19.87
CA PHE B 47 28.12 -14.03 -19.13
C PHE B 47 27.82 -15.31 -18.38
N ASP B 48 28.87 -16.03 -18.03
CA ASP B 48 28.73 -17.26 -17.28
C ASP B 48 28.48 -16.86 -15.82
N VAL B 49 27.43 -17.41 -15.21
CA VAL B 49 27.12 -17.13 -13.80
C VAL B 49 28.34 -17.41 -12.91
N ALA B 50 29.27 -18.22 -13.41
CA ALA B 50 30.48 -18.56 -12.67
C ALA B 50 31.48 -17.40 -12.67
N ASP B 51 31.29 -16.43 -13.58
CA ASP B 51 32.17 -15.28 -13.70
C ASP B 51 31.66 -13.97 -13.06
N VAL B 52 30.67 -14.09 -12.17
CA VAL B 52 30.10 -12.94 -11.48
C VAL B 52 31.19 -12.18 -10.72
N ASP B 53 32.04 -12.93 -10.03
CA ASP B 53 33.15 -12.36 -9.24
C ASP B 53 34.08 -11.47 -10.05
N LYS B 54 34.11 -11.69 -11.37
CA LYS B 54 34.95 -10.92 -12.28
C LYS B 54 34.31 -9.63 -12.77
N HIS B 55 33.05 -9.41 -12.39
CA HIS B 55 32.31 -8.20 -12.79
C HIS B 55 31.81 -7.42 -11.57
N ALA B 56 32.22 -7.87 -10.38
CA ALA B 56 31.80 -7.27 -9.11
C ALA B 56 31.94 -5.75 -9.04
N ASP B 57 32.86 -5.21 -9.83
CA ASP B 57 33.08 -3.75 -9.86
C ASP B 57 32.42 -3.04 -11.05
N ASP B 58 31.69 -3.77 -11.87
CA ASP B 58 31.02 -3.18 -13.03
C ASP B 58 29.50 -3.19 -12.82
N VAL B 59 29.08 -3.74 -11.68
CA VAL B 59 27.65 -3.85 -11.36
C VAL B 59 27.32 -3.34 -9.96
N ASP B 60 26.22 -2.59 -9.86
CA ASP B 60 25.74 -2.03 -8.58
C ASP B 60 24.71 -2.95 -7.94
N VAL B 61 23.79 -3.46 -8.76
CA VAL B 61 22.73 -4.36 -8.28
C VAL B 61 22.48 -5.53 -9.24
N LEU B 62 22.35 -6.70 -8.63
CA LEU B 62 22.09 -7.94 -9.32
C LEU B 62 20.63 -8.36 -9.13
N PHE B 63 19.88 -8.47 -10.23
CA PHE B 63 18.49 -8.91 -10.15
C PHE B 63 18.50 -10.44 -10.26
N LEU B 64 18.19 -11.09 -9.14
CA LEU B 64 18.16 -12.55 -9.08
C LEU B 64 16.83 -13.06 -9.61
N CYS B 65 16.87 -13.68 -10.79
CA CYS B 65 15.66 -14.18 -11.44
C CYS B 65 15.57 -15.71 -11.64
N MET B 66 16.31 -16.46 -10.83
CA MET B 66 16.27 -17.91 -10.89
C MET B 66 15.06 -18.45 -10.12
N GLY B 67 14.82 -19.75 -10.24
CA GLY B 67 13.69 -20.37 -9.57
C GLY B 67 13.74 -20.37 -8.06
N SER B 68 12.61 -20.03 -7.45
CA SER B 68 12.48 -20.00 -5.98
C SER B 68 12.56 -21.39 -5.38
N ALA B 69 11.89 -22.34 -6.05
CA ALA B 69 11.82 -23.74 -5.64
C ALA B 69 13.16 -24.37 -5.25
N THR B 70 14.19 -24.20 -6.07
CA THR B 70 15.49 -24.78 -5.77
C THR B 70 16.70 -23.86 -5.82
N ASP B 71 16.80 -23.09 -6.91
CA ASP B 71 17.92 -22.18 -7.13
C ASP B 71 18.18 -21.14 -6.05
N ILE B 72 17.18 -20.29 -5.80
CA ILE B 72 17.27 -19.21 -4.80
C ILE B 72 17.91 -19.61 -3.46
N PRO B 73 17.32 -20.60 -2.75
CA PRO B 73 17.84 -21.04 -1.44
C PRO B 73 19.36 -21.24 -1.37
N GLU B 74 19.91 -21.92 -2.38
CA GLU B 74 21.33 -22.21 -2.41
C GLU B 74 22.26 -21.21 -3.11
N GLN B 75 21.77 -20.58 -4.18
CA GLN B 75 22.58 -19.62 -4.94
C GLN B 75 22.58 -18.18 -4.43
N ALA B 76 21.40 -17.65 -4.12
CA ALA B 76 21.23 -16.27 -3.65
C ALA B 76 22.31 -15.70 -2.71
N PRO B 77 22.61 -16.39 -1.58
CA PRO B 77 23.62 -15.92 -0.62
C PRO B 77 25.00 -15.66 -1.24
N LYS B 78 25.35 -16.46 -2.25
CA LYS B 78 26.64 -16.33 -2.91
C LYS B 78 26.76 -15.00 -3.67
N PHE B 79 25.68 -14.61 -4.34
CA PHE B 79 25.66 -13.37 -5.10
C PHE B 79 25.71 -12.11 -4.25
N ALA B 80 25.21 -12.22 -3.02
CA ALA B 80 25.19 -11.09 -2.07
C ALA B 80 26.58 -10.58 -1.69
N GLN B 81 27.61 -11.38 -1.97
CA GLN B 81 28.97 -10.98 -1.65
C GLN B 81 29.61 -10.16 -2.77
N PHE B 82 28.93 -10.05 -3.91
CA PHE B 82 29.46 -9.29 -5.05
C PHE B 82 28.78 -7.95 -5.35
N ALA B 83 27.55 -7.77 -4.87
CA ALA B 83 26.81 -6.53 -5.10
C ALA B 83 25.48 -6.60 -4.39
N CYS B 84 24.73 -5.50 -4.48
CA CYS B 84 23.39 -5.46 -3.89
C CYS B 84 22.55 -6.45 -4.71
N THR B 85 21.64 -7.15 -4.05
CA THR B 85 20.79 -8.12 -4.73
C THR B 85 19.31 -7.89 -4.45
N VAL B 86 18.48 -8.28 -5.40
CA VAL B 86 17.04 -8.16 -5.28
C VAL B 86 16.42 -9.44 -5.82
N ASP B 87 15.64 -10.12 -4.99
CA ASP B 87 14.98 -11.34 -5.42
C ASP B 87 13.49 -11.26 -5.16
N THR B 88 12.74 -12.19 -5.75
CA THR B 88 11.30 -12.23 -5.57
C THR B 88 10.86 -13.53 -4.91
N TYR B 89 11.76 -14.10 -4.10
CA TYR B 89 11.54 -15.38 -3.38
C TYR B 89 10.15 -15.45 -2.76
N ASP B 90 9.39 -16.47 -3.14
CA ASP B 90 8.01 -16.62 -2.70
C ASP B 90 7.63 -17.72 -1.74
N ASN B 91 8.60 -18.43 -1.19
CA ASN B 91 8.29 -19.49 -0.25
C ASN B 91 8.12 -18.83 1.14
N HIS B 92 6.91 -18.38 1.41
CA HIS B 92 6.57 -17.68 2.65
C HIS B 92 7.11 -18.31 3.93
N ARG B 93 6.90 -19.62 4.08
CA ARG B 93 7.37 -20.34 5.28
C ARG B 93 8.88 -20.43 5.39
N ASP B 94 9.59 -19.99 4.36
CA ASP B 94 11.05 -20.03 4.36
C ASP B 94 11.69 -18.64 4.35
N ILE B 95 10.86 -17.60 4.26
CA ILE B 95 11.35 -16.22 4.22
C ILE B 95 12.22 -15.80 5.41
N PRO B 96 11.80 -16.08 6.66
CA PRO B 96 12.62 -15.71 7.82
C PRO B 96 14.03 -16.26 7.74
N ARG B 97 14.12 -17.53 7.32
CA ARG B 97 15.42 -18.20 7.17
C ARG B 97 16.25 -17.57 6.06
N HIS B 98 15.60 -17.36 4.91
CA HIS B 98 16.23 -16.75 3.74
C HIS B 98 16.84 -15.41 4.13
N ARG B 99 16.04 -14.58 4.79
CA ARG B 99 16.47 -13.26 5.25
C ARG B 99 17.70 -13.32 6.16
N GLN B 100 17.68 -14.23 7.13
CA GLN B 100 18.79 -14.40 8.06
C GLN B 100 20.07 -14.76 7.33
N VAL B 101 19.95 -15.68 6.37
CA VAL B 101 21.07 -16.13 5.57
C VAL B 101 21.58 -15.01 4.66
N MET B 102 20.66 -14.31 4.00
CA MET B 102 21.04 -13.20 3.11
C MET B 102 21.66 -12.06 3.91
N ASN B 103 21.19 -11.86 5.14
CA ASN B 103 21.69 -10.79 6.00
C ASN B 103 23.15 -10.99 6.37
N GLU B 104 23.52 -12.22 6.69
CA GLU B 104 24.90 -12.54 7.05
C GLU B 104 25.85 -12.30 5.88
N ALA B 105 25.44 -12.74 4.69
CA ALA B 105 26.24 -12.60 3.48
C ALA B 105 26.37 -11.12 3.09
N ALA B 106 25.24 -10.40 3.06
CA ALA B 106 25.23 -8.98 2.68
C ALA B 106 26.00 -8.10 3.68
N THR B 107 25.80 -8.33 4.97
CA THR B 107 26.47 -7.57 6.01
C THR B 107 27.98 -7.72 5.90
N ALA B 108 28.45 -8.96 5.73
CA ALA B 108 29.88 -9.24 5.61
C ALA B 108 30.51 -8.52 4.41
N ALA B 109 29.82 -8.54 3.28
CA ALA B 109 30.29 -7.91 2.04
C ALA B 109 30.02 -6.41 1.99
N GLY B 110 29.18 -5.93 2.92
CA GLY B 110 28.83 -4.51 2.96
C GLY B 110 27.78 -4.08 1.93
N ASN B 111 26.97 -5.03 1.48
CA ASN B 111 25.93 -4.73 0.49
C ASN B 111 24.53 -4.78 1.09
N VAL B 112 23.55 -4.41 0.27
CA VAL B 112 22.15 -4.43 0.70
C VAL B 112 21.42 -5.47 -0.13
N ALA B 113 20.74 -6.39 0.55
CA ALA B 113 19.97 -7.42 -0.13
C ALA B 113 18.49 -7.19 0.14
N LEU B 114 17.73 -6.98 -0.94
CA LEU B 114 16.28 -6.81 -0.82
C LEU B 114 15.68 -8.18 -1.17
N VAL B 115 15.07 -8.81 -0.18
CA VAL B 115 14.48 -10.13 -0.36
C VAL B 115 12.97 -10.17 -0.47
N SER B 116 12.48 -11.13 -1.23
CA SER B 116 11.07 -11.35 -1.40
C SER B 116 10.21 -10.18 -1.89
N THR B 117 10.63 -9.55 -2.98
CA THR B 117 9.88 -8.44 -3.57
C THR B 117 8.91 -9.02 -4.60
N GLY B 118 8.14 -8.16 -5.25
CA GLY B 118 7.16 -8.62 -6.23
C GLY B 118 5.79 -8.12 -5.79
N TRP B 119 4.74 -8.90 -6.04
CA TRP B 119 3.40 -8.49 -5.62
C TRP B 119 2.88 -9.32 -4.45
N ASP B 120 3.44 -10.53 -4.29
CA ASP B 120 3.14 -11.41 -3.15
C ASP B 120 4.05 -12.62 -3.10
N PRO B 121 5.09 -12.57 -2.25
CA PRO B 121 5.42 -11.43 -1.38
C PRO B 121 5.77 -10.14 -2.13
N GLY B 122 5.63 -9.01 -1.45
CA GLY B 122 5.91 -7.73 -2.05
C GLY B 122 4.80 -6.74 -1.74
N MET B 123 4.13 -6.25 -2.78
CA MET B 123 3.05 -5.28 -2.65
C MET B 123 1.94 -5.72 -1.70
N PHE B 124 1.50 -6.98 -1.82
CA PHE B 124 0.46 -7.52 -0.94
C PHE B 124 0.89 -7.54 0.52
N SER B 125 2.15 -7.87 0.78
CA SER B 125 2.72 -7.93 2.14
C SER B 125 2.69 -6.54 2.78
N ILE B 126 2.97 -5.53 1.97
CA ILE B 126 2.97 -4.14 2.41
C ILE B 126 1.56 -3.68 2.79
N ASN B 127 0.59 -3.95 1.93
CA ASN B 127 -0.79 -3.56 2.22
C ASN B 127 -1.33 -4.33 3.44
N ARG B 128 -0.95 -5.59 3.58
CA ARG B 128 -1.37 -6.43 4.70
C ARG B 128 -0.96 -5.79 6.03
N VAL B 129 0.29 -5.36 6.11
CA VAL B 129 0.84 -4.74 7.32
C VAL B 129 0.26 -3.36 7.58
N TYR B 130 0.11 -2.56 6.54
CA TYR B 130 -0.45 -1.20 6.68
C TYR B 130 -1.90 -1.25 7.18
N ALA B 131 -2.74 -2.04 6.51
CA ALA B 131 -4.15 -2.16 6.87
C ALA B 131 -4.39 -2.74 8.25
N ALA B 132 -3.56 -3.72 8.64
CA ALA B 132 -3.68 -4.37 9.94
C ALA B 132 -3.18 -3.47 11.08
N ALA B 133 -2.18 -2.63 10.80
CA ALA B 133 -1.61 -1.71 11.80
C ALA B 133 -2.60 -0.60 12.11
N VAL B 134 -3.27 -0.10 11.08
CA VAL B 134 -4.24 0.99 11.20
C VAL B 134 -5.51 0.52 11.92
N LEU B 135 -6.10 -0.56 11.42
CA LEU B 135 -7.30 -1.11 12.01
C LEU B 135 -6.96 -2.10 13.12
N ALA B 136 -6.82 -1.61 14.35
CA ALA B 136 -6.50 -2.43 15.52
C ALA B 136 -7.30 -3.73 15.53
N GLU B 137 -8.62 -3.63 15.66
CA GLU B 137 -9.51 -4.78 15.61
C GLU B 137 -9.78 -4.98 14.13
N HIS B 138 -9.32 -6.09 13.57
CA HIS B 138 -9.51 -6.32 12.14
C HIS B 138 -9.63 -7.76 11.70
N GLN B 139 -10.14 -7.92 10.48
CA GLN B 139 -10.27 -9.22 9.82
C GLN B 139 -9.60 -8.99 8.48
N GLN B 140 -8.73 -9.92 8.10
CA GLN B 140 -7.98 -9.77 6.86
C GLN B 140 -7.85 -11.06 6.07
N HIS B 141 -7.99 -10.94 4.75
CA HIS B 141 -7.90 -12.08 3.84
C HIS B 141 -7.31 -11.60 2.52
N THR B 142 -6.58 -12.50 1.86
CA THR B 142 -5.99 -12.20 0.55
C THR B 142 -6.35 -13.33 -0.41
N PHE B 143 -6.54 -12.99 -1.68
CA PHE B 143 -6.89 -13.98 -2.70
C PHE B 143 -6.05 -13.76 -3.95
N TRP B 144 -5.60 -14.86 -4.54
CA TRP B 144 -4.79 -14.80 -5.74
C TRP B 144 -5.57 -15.50 -6.84
N GLY B 145 -5.57 -14.92 -8.03
CA GLY B 145 -6.24 -15.54 -9.14
C GLY B 145 -7.58 -14.96 -9.56
N PRO B 146 -8.20 -15.52 -10.63
CA PRO B 146 -7.60 -16.63 -11.39
C PRO B 146 -6.39 -16.21 -12.21
N GLY B 147 -5.33 -17.01 -12.14
CA GLY B 147 -4.14 -16.68 -12.89
C GLY B 147 -3.02 -17.72 -12.84
N LEU B 148 -1.95 -17.41 -13.56
CA LEU B 148 -0.77 -18.26 -13.68
C LEU B 148 0.26 -17.91 -12.62
N SER B 149 0.63 -18.90 -11.82
CA SER B 149 1.64 -18.70 -10.78
C SER B 149 2.99 -19.18 -11.33
N GLN B 150 3.93 -18.24 -11.50
CA GLN B 150 5.26 -18.57 -12.02
C GLN B 150 6.04 -19.51 -11.10
N GLY B 151 5.94 -19.29 -9.79
CA GLY B 151 6.62 -20.12 -8.82
C GLY B 151 6.16 -21.57 -8.86
N HIS B 152 4.85 -21.78 -8.92
CA HIS B 152 4.26 -23.11 -8.98
C HIS B 152 4.53 -23.79 -10.33
N SER B 153 4.57 -23.00 -11.39
CA SER B 153 4.82 -23.50 -12.73
C SER B 153 6.26 -23.98 -12.83
N ASP B 154 7.17 -23.21 -12.26
CA ASP B 154 8.58 -23.56 -12.27
C ASP B 154 8.83 -24.83 -11.42
N ALA B 155 8.11 -24.95 -10.29
CA ALA B 155 8.24 -26.11 -9.39
C ALA B 155 7.84 -27.41 -10.10
N LEU B 156 6.79 -27.36 -10.92
CA LEU B 156 6.32 -28.52 -11.67
C LEU B 156 7.33 -28.98 -12.73
N ARG B 157 8.02 -28.03 -13.36
CA ARG B 157 9.03 -28.34 -14.39
C ARG B 157 10.32 -28.92 -13.80
N ARG B 158 10.53 -28.78 -12.49
CA ARG B 158 11.72 -29.35 -11.85
C ARG B 158 11.48 -30.82 -11.53
N ILE B 159 10.28 -31.30 -11.86
CA ILE B 159 9.92 -32.71 -11.66
C ILE B 159 10.31 -33.50 -12.91
N PRO B 160 11.23 -34.48 -12.76
CA PRO B 160 11.69 -35.31 -13.86
C PRO B 160 10.53 -35.99 -14.60
N GLY B 161 10.57 -35.91 -15.93
CA GLY B 161 9.52 -36.49 -16.74
C GLY B 161 8.55 -35.44 -17.26
N VAL B 162 8.48 -34.30 -16.58
CA VAL B 162 7.62 -33.18 -16.97
C VAL B 162 8.32 -32.43 -18.11
N GLN B 163 7.68 -32.39 -19.27
CA GLN B 163 8.23 -31.69 -20.43
C GLN B 163 7.78 -30.23 -20.42
N LYS B 164 6.49 -30.03 -20.19
CA LYS B 164 5.87 -28.72 -20.13
C LYS B 164 4.81 -28.76 -19.05
N ALA B 165 4.79 -27.73 -18.20
CA ALA B 165 3.81 -27.68 -17.13
C ALA B 165 3.46 -26.24 -16.77
N VAL B 166 2.26 -26.07 -16.28
CA VAL B 166 1.76 -24.77 -15.91
C VAL B 166 0.75 -24.97 -14.78
N GLN B 167 0.65 -23.98 -13.88
CA GLN B 167 -0.28 -24.07 -12.76
C GLN B 167 -1.11 -22.79 -12.65
N TYR B 168 -2.41 -22.95 -12.43
CA TYR B 168 -3.33 -21.82 -12.29
C TYR B 168 -3.91 -21.83 -10.89
N THR B 169 -3.98 -20.65 -10.28
CA THR B 169 -4.54 -20.51 -8.94
C THR B 169 -5.96 -19.99 -9.07
N LEU B 170 -6.91 -20.75 -8.53
CA LEU B 170 -8.32 -20.39 -8.61
C LEU B 170 -8.90 -20.11 -7.24
N PRO B 171 -9.33 -18.85 -7.02
CA PRO B 171 -9.92 -18.44 -5.74
C PRO B 171 -11.42 -18.68 -5.65
N SER B 172 -11.91 -18.88 -4.44
CA SER B 172 -13.32 -19.10 -4.19
C SER B 172 -14.05 -17.74 -4.18
N GLU B 173 -14.75 -17.42 -5.27
CA GLU B 173 -15.51 -16.16 -5.39
C GLU B 173 -16.44 -15.94 -4.20
N ASP B 174 -16.96 -17.04 -3.66
CA ASP B 174 -17.87 -16.99 -2.53
C ASP B 174 -17.17 -16.36 -1.32
N ALA B 175 -16.01 -16.92 -0.96
CA ALA B 175 -15.21 -16.43 0.17
C ALA B 175 -14.82 -14.97 0.00
N LEU B 176 -14.55 -14.57 -1.24
CA LEU B 176 -14.17 -13.20 -1.56
C LEU B 176 -15.30 -12.26 -1.09
N GLU B 177 -16.53 -12.60 -1.46
CA GLU B 177 -17.68 -11.79 -1.06
C GLU B 177 -17.91 -11.85 0.45
N LYS B 178 -17.75 -13.03 1.02
CA LYS B 178 -17.90 -13.21 2.46
C LYS B 178 -16.91 -12.30 3.19
N ALA B 179 -15.67 -12.26 2.71
CA ALA B 179 -14.61 -11.44 3.30
C ALA B 179 -14.96 -9.96 3.25
N ARG B 180 -15.55 -9.54 2.12
CA ARG B 180 -15.97 -8.16 1.90
C ARG B 180 -17.04 -7.72 2.90
N ARG B 181 -17.78 -8.68 3.45
CA ARG B 181 -18.81 -8.39 4.44
C ARG B 181 -18.36 -8.86 5.83
N GLY B 182 -17.05 -9.12 5.97
CA GLY B 182 -16.49 -9.57 7.24
C GLY B 182 -17.19 -10.81 7.75
N GLU B 183 -17.53 -11.71 6.83
CA GLU B 183 -18.23 -12.95 7.15
C GLU B 183 -17.45 -14.20 6.80
N ALA B 184 -16.19 -14.02 6.45
CA ALA B 184 -15.34 -15.16 6.09
C ALA B 184 -14.39 -15.55 7.20
N GLY B 185 -14.53 -14.89 8.36
CA GLY B 185 -13.66 -15.16 9.51
C GLY B 185 -13.27 -16.60 9.68
N ASP B 186 -12.00 -16.82 10.05
CA ASP B 186 -11.47 -18.17 10.24
C ASP B 186 -11.59 -19.02 8.98
N LEU B 187 -10.89 -18.58 7.94
CA LEU B 187 -10.86 -19.25 6.65
C LEU B 187 -9.48 -18.88 6.11
N THR B 188 -8.66 -19.89 5.82
CA THR B 188 -7.32 -19.65 5.32
C THR B 188 -7.18 -19.67 3.80
N GLY B 189 -5.99 -19.32 3.33
CA GLY B 189 -5.70 -19.30 1.91
C GLY B 189 -5.78 -20.69 1.32
N LYS B 190 -5.51 -21.70 2.16
CA LYS B 190 -5.54 -23.09 1.72
C LYS B 190 -6.96 -23.63 1.51
N GLN B 191 -7.94 -23.01 2.16
CA GLN B 191 -9.34 -23.42 2.05
C GLN B 191 -10.09 -22.54 1.05
N THR B 192 -9.41 -21.52 0.53
CA THR B 192 -10.04 -20.58 -0.40
C THR B 192 -9.44 -20.61 -1.80
N HIS B 193 -8.50 -21.53 -2.01
CA HIS B 193 -7.85 -21.66 -3.30
C HIS B 193 -7.70 -23.11 -3.80
N LYS B 194 -7.87 -23.26 -5.11
CA LYS B 194 -7.71 -24.53 -5.79
C LYS B 194 -6.48 -24.40 -6.67
N ARG B 195 -5.69 -25.47 -6.79
CA ARG B 195 -4.50 -25.44 -7.61
C ARG B 195 -4.70 -26.33 -8.83
N GLN B 196 -4.68 -25.71 -10.00
CA GLN B 196 -4.89 -26.41 -11.26
C GLN B 196 -3.60 -26.56 -12.07
N CYS B 197 -3.18 -27.81 -12.28
CA CYS B 197 -1.96 -28.08 -13.02
C CYS B 197 -2.23 -28.70 -14.39
N PHE B 198 -1.48 -28.24 -15.39
CA PHE B 198 -1.57 -28.76 -16.75
C PHE B 198 -0.17 -29.23 -17.09
N VAL B 199 -0.01 -30.55 -17.13
CA VAL B 199 1.28 -31.16 -17.37
C VAL B 199 1.34 -31.95 -18.67
N VAL B 200 2.46 -31.82 -19.37
CA VAL B 200 2.73 -32.53 -20.61
C VAL B 200 3.86 -33.51 -20.30
N ALA B 201 3.49 -34.78 -20.14
CA ALA B 201 4.47 -35.81 -19.84
C ALA B 201 4.05 -37.14 -20.45
N ASP B 202 4.98 -38.09 -20.47
CA ASP B 202 4.72 -39.43 -20.99
C ASP B 202 3.73 -40.15 -20.08
N ALA B 203 2.79 -40.88 -20.68
CA ALA B 203 1.77 -41.60 -19.91
C ALA B 203 2.45 -42.51 -18.89
N ALA B 204 3.60 -43.05 -19.28
CA ALA B 204 4.39 -43.94 -18.43
C ALA B 204 4.81 -43.26 -17.11
N ASP B 205 5.09 -41.96 -17.17
CA ASP B 205 5.53 -41.19 -16.01
C ASP B 205 4.41 -40.48 -15.24
N HIS B 206 3.16 -40.81 -15.55
CA HIS B 206 2.04 -40.14 -14.91
C HIS B 206 1.84 -40.35 -13.42
N GLU B 207 1.83 -41.60 -12.97
CA GLU B 207 1.62 -41.91 -11.56
C GLU B 207 2.64 -41.24 -10.66
N ARG B 208 3.91 -41.31 -11.07
CA ARG B 208 5.00 -40.74 -10.30
C ARG B 208 4.94 -39.22 -10.22
N ILE B 209 4.75 -38.56 -11.36
CA ILE B 209 4.69 -37.10 -11.41
C ILE B 209 3.55 -36.58 -10.55
N GLU B 210 2.38 -37.18 -10.67
CA GLU B 210 1.22 -36.76 -9.89
C GLU B 210 1.48 -36.87 -8.39
N ASN B 211 2.22 -37.91 -8.00
CA ASN B 211 2.56 -38.14 -6.61
C ASN B 211 3.56 -37.08 -6.14
N ASP B 212 4.55 -36.79 -6.97
CA ASP B 212 5.56 -35.78 -6.66
C ASP B 212 4.95 -34.38 -6.59
N ILE B 213 3.81 -34.18 -7.24
CA ILE B 213 3.10 -32.91 -7.24
C ILE B 213 2.27 -32.76 -5.96
N ARG B 214 1.42 -33.74 -5.69
CA ARG B 214 0.52 -33.72 -4.53
C ARG B 214 1.22 -33.72 -3.18
N THR B 215 2.46 -34.19 -3.15
CA THR B 215 3.22 -34.22 -1.91
C THR B 215 4.36 -33.20 -1.84
N MET B 216 4.38 -32.24 -2.76
CA MET B 216 5.42 -31.21 -2.78
C MET B 216 5.09 -30.19 -1.70
N PRO B 217 5.94 -30.12 -0.67
CA PRO B 217 5.72 -29.18 0.44
C PRO B 217 5.74 -27.72 0.04
N ASP B 218 4.94 -26.93 0.76
CA ASP B 218 4.81 -25.49 0.58
C ASP B 218 4.02 -25.08 -0.66
N TYR B 219 4.36 -25.66 -1.80
CA TYR B 219 3.70 -25.36 -3.06
C TYR B 219 2.38 -26.10 -3.29
N PHE B 220 2.31 -27.38 -2.91
CA PHE B 220 1.09 -28.14 -3.14
C PHE B 220 0.43 -28.85 -1.95
N VAL B 221 1.23 -29.33 -0.99
CA VAL B 221 0.69 -30.01 0.18
C VAL B 221 -0.32 -29.12 0.89
N GLY B 222 -1.45 -29.69 1.24
CA GLY B 222 -2.46 -28.96 1.96
C GLY B 222 -3.51 -28.28 1.11
N TYR B 223 -3.26 -28.21 -0.19
CA TYR B 223 -4.17 -27.58 -1.13
C TYR B 223 -5.02 -28.59 -1.89
N GLU B 224 -6.18 -28.16 -2.34
CA GLU B 224 -7.03 -29.02 -3.15
C GLU B 224 -6.34 -28.91 -4.52
N VAL B 225 -5.84 -30.04 -5.02
CA VAL B 225 -5.11 -30.06 -6.29
C VAL B 225 -5.75 -30.89 -7.41
N GLU B 226 -5.70 -30.34 -8.63
CA GLU B 226 -6.23 -31.01 -9.82
C GLU B 226 -5.08 -31.14 -10.81
N VAL B 227 -4.77 -32.36 -11.22
CA VAL B 227 -3.69 -32.58 -12.18
C VAL B 227 -4.26 -33.02 -13.53
N ASN B 228 -3.88 -32.31 -14.58
CA ASN B 228 -4.34 -32.62 -15.94
C ASN B 228 -3.16 -32.88 -16.86
N PHE B 229 -3.17 -34.05 -17.48
CA PHE B 229 -2.11 -34.44 -18.41
C PHE B 229 -2.67 -34.31 -19.81
N ILE B 230 -2.30 -33.23 -20.48
CA ILE B 230 -2.82 -32.96 -21.81
C ILE B 230 -1.78 -33.12 -22.92
N ASP B 231 -2.29 -33.16 -24.15
CA ASP B 231 -1.47 -33.29 -25.35
C ASP B 231 -0.63 -32.04 -25.56
N GLU B 232 0.62 -32.23 -25.96
CA GLU B 232 1.56 -31.13 -26.21
C GLU B 232 0.97 -30.08 -27.17
N ALA B 233 0.17 -30.55 -28.13
CA ALA B 233 -0.46 -29.68 -29.11
C ALA B 233 -1.43 -28.76 -28.40
N THR B 234 -2.31 -29.35 -27.59
CA THR B 234 -3.31 -28.60 -26.82
C THR B 234 -2.66 -27.62 -25.85
N PHE B 235 -1.49 -28.01 -25.34
CA PHE B 235 -0.76 -27.18 -24.39
C PHE B 235 -0.20 -25.90 -25.01
N ASP B 236 0.59 -26.06 -26.07
CA ASP B 236 1.22 -24.92 -26.76
C ASP B 236 0.23 -23.93 -27.37
N SER B 237 -1.04 -24.32 -27.48
CA SER B 237 -2.06 -23.45 -28.06
C SER B 237 -3.00 -22.78 -27.08
N GLU B 238 -3.30 -23.47 -25.97
CA GLU B 238 -4.22 -22.92 -24.99
C GLU B 238 -3.61 -22.36 -23.70
N HIS B 239 -2.33 -22.61 -23.47
CA HIS B 239 -1.68 -22.15 -22.24
C HIS B 239 -0.45 -21.29 -22.49
N THR B 240 -0.69 -20.10 -23.03
CA THR B 240 0.37 -19.16 -23.34
C THR B 240 0.40 -17.89 -22.50
N GLY B 241 -0.77 -17.29 -22.23
CA GLY B 241 -0.77 -16.05 -21.44
C GLY B 241 -0.36 -16.30 -20.00
N MET B 242 0.08 -15.25 -19.31
CA MET B 242 0.48 -15.36 -17.92
C MET B 242 -0.22 -14.29 -17.06
N PRO B 243 -1.56 -14.23 -17.13
CA PRO B 243 -2.28 -13.23 -16.33
C PRO B 243 -2.42 -13.69 -14.87
N HIS B 244 -2.60 -12.72 -13.98
CA HIS B 244 -2.76 -13.02 -12.56
C HIS B 244 -3.18 -11.74 -11.82
N GLY B 245 -3.34 -11.86 -10.51
CA GLY B 245 -3.72 -10.72 -9.70
C GLY B 245 -4.37 -11.22 -8.45
N GLY B 246 -5.04 -10.32 -7.72
CA GLY B 246 -5.69 -10.73 -6.48
C GLY B 246 -6.23 -9.56 -5.68
N HIS B 247 -6.80 -9.89 -4.52
CA HIS B 247 -7.38 -8.89 -3.63
C HIS B 247 -6.89 -9.09 -2.21
N VAL B 248 -6.62 -8.00 -1.51
CA VAL B 248 -6.24 -8.05 -0.10
C VAL B 248 -7.35 -7.22 0.56
N ILE B 249 -8.23 -7.90 1.27
CA ILE B 249 -9.35 -7.23 1.94
C ILE B 249 -9.20 -7.18 3.45
N THR B 250 -9.34 -5.99 4.02
CA THR B 250 -9.25 -5.80 5.45
C THR B 250 -10.45 -5.01 5.97
N THR B 251 -11.13 -5.57 6.97
CA THR B 251 -12.28 -4.91 7.58
C THR B 251 -12.03 -4.65 9.08
N GLY B 252 -12.60 -3.58 9.60
CA GLY B 252 -12.41 -3.27 11.00
C GLY B 252 -13.59 -2.50 11.56
N ASP B 253 -13.77 -2.59 12.86
CA ASP B 253 -14.86 -1.90 13.54
C ASP B 253 -14.24 -0.91 14.53
N THR B 254 -14.75 0.31 14.55
CA THR B 254 -14.25 1.34 15.46
C THR B 254 -15.31 1.75 16.50
N GLY B 255 -16.15 0.79 16.90
CA GLY B 255 -17.19 1.06 17.88
C GLY B 255 -18.54 1.29 17.22
N GLY B 256 -18.97 0.31 16.42
CA GLY B 256 -20.24 0.39 15.72
C GLY B 256 -20.12 1.01 14.34
N PHE B 257 -18.88 1.12 13.85
CA PHE B 257 -18.61 1.70 12.54
C PHE B 257 -17.60 0.80 11.83
N ASN B 258 -17.99 0.35 10.65
CA ASN B 258 -17.12 -0.54 9.86
C ASN B 258 -16.28 0.23 8.84
N HIS B 259 -15.09 -0.30 8.56
CA HIS B 259 -14.19 0.30 7.59
C HIS B 259 -13.62 -0.82 6.74
N THR B 260 -13.62 -0.63 5.42
CA THR B 260 -13.09 -1.62 4.51
C THR B 260 -11.92 -1.07 3.72
N VAL B 261 -10.84 -1.83 3.67
CA VAL B 261 -9.65 -1.45 2.92
C VAL B 261 -9.43 -2.55 1.90
N GLU B 262 -9.46 -2.20 0.62
CA GLU B 262 -9.25 -3.18 -0.43
C GLU B 262 -8.18 -2.77 -1.43
N TYR B 263 -7.22 -3.66 -1.59
CA TYR B 263 -6.12 -3.48 -2.52
C TYR B 263 -6.29 -4.53 -3.61
N ILE B 264 -6.44 -4.08 -4.85
CA ILE B 264 -6.66 -4.98 -5.98
C ILE B 264 -5.56 -4.89 -7.03
N LEU B 265 -5.19 -6.04 -7.58
CA LEU B 265 -4.19 -6.13 -8.64
C LEU B 265 -4.78 -6.89 -9.83
N LYS B 266 -4.69 -6.29 -11.01
CA LYS B 266 -5.17 -6.88 -12.25
C LYS B 266 -3.99 -6.84 -13.21
N LEU B 267 -3.32 -7.98 -13.36
CA LEU B 267 -2.13 -8.07 -14.19
C LEU B 267 -2.31 -8.88 -15.47
N ASP B 268 -2.04 -8.26 -16.62
CA ASP B 268 -2.16 -8.94 -17.90
C ASP B 268 -1.01 -9.91 -18.05
N ARG B 269 0.11 -9.61 -17.42
CA ARG B 269 1.28 -10.46 -17.49
C ARG B 269 2.05 -10.42 -16.17
N ASN B 270 1.94 -11.51 -15.42
CA ASN B 270 2.56 -11.70 -14.12
C ASN B 270 4.04 -11.30 -14.08
N PRO B 271 4.90 -11.90 -14.92
CA PRO B 271 6.32 -11.54 -14.90
C PRO B 271 6.65 -10.06 -15.16
N ASP B 272 5.79 -9.37 -15.91
CA ASP B 272 5.99 -7.96 -16.20
C ASP B 272 5.80 -7.07 -14.98
N PHE B 273 4.74 -7.33 -14.22
CA PHE B 273 4.48 -6.55 -13.01
C PHE B 273 5.49 -6.92 -11.92
N THR B 274 5.84 -8.21 -11.83
CA THR B 274 6.81 -8.67 -10.83
C THR B 274 8.16 -8.00 -11.09
N ALA B 275 8.54 -7.93 -12.36
CA ALA B 275 9.79 -7.32 -12.77
C ALA B 275 9.78 -5.82 -12.44
N SER B 276 8.65 -5.17 -12.68
CA SER B 276 8.50 -3.73 -12.40
C SER B 276 8.72 -3.45 -10.92
N SER B 277 8.15 -4.31 -10.07
CA SER B 277 8.28 -4.18 -8.62
C SER B 277 9.74 -4.44 -8.21
N GLN B 278 10.31 -5.53 -8.72
CA GLN B 278 11.69 -5.92 -8.42
C GLN B 278 12.66 -4.80 -8.80
N ILE B 279 12.45 -4.18 -9.95
CA ILE B 279 13.28 -3.08 -10.44
C ILE B 279 13.24 -1.86 -9.50
N ALA B 280 12.04 -1.47 -9.09
CA ALA B 280 11.84 -0.33 -8.19
C ALA B 280 12.59 -0.57 -6.88
N PHE B 281 12.51 -1.79 -6.37
CA PHE B 281 13.22 -2.16 -5.14
C PHE B 281 14.73 -2.25 -5.37
N GLY B 282 15.12 -2.42 -6.63
CA GLY B 282 16.52 -2.45 -6.99
C GLY B 282 17.09 -1.05 -6.78
N ARG B 283 16.31 -0.05 -7.18
CA ARG B 283 16.67 1.35 -7.02
C ARG B 283 16.83 1.66 -5.53
N ALA B 284 15.89 1.14 -4.74
CA ALA B 284 15.89 1.34 -3.28
C ALA B 284 17.12 0.73 -2.62
N ALA B 285 17.50 -0.48 -3.04
CA ALA B 285 18.66 -1.18 -2.49
C ALA B 285 19.93 -0.36 -2.71
N HIS B 286 20.06 0.16 -3.93
CA HIS B 286 21.21 0.97 -4.28
C HIS B 286 21.27 2.22 -3.41
N ARG B 287 20.15 2.93 -3.31
CA ARG B 287 20.06 4.14 -2.50
C ARG B 287 20.39 3.87 -1.03
N MET B 288 19.89 2.76 -0.50
CA MET B 288 20.15 2.38 0.89
C MET B 288 21.63 2.13 1.13
N LYS B 289 22.30 1.51 0.16
CA LYS B 289 23.74 1.23 0.28
C LYS B 289 24.51 2.54 0.34
N GLN B 290 24.12 3.49 -0.51
CA GLN B 290 24.74 4.82 -0.59
C GLN B 290 24.62 5.50 0.77
N GLN B 291 23.46 5.38 1.41
CA GLN B 291 23.21 5.97 2.72
C GLN B 291 23.98 5.31 3.85
N GLY B 292 24.84 4.34 3.51
CA GLY B 292 25.64 3.67 4.52
C GLY B 292 25.01 2.42 5.13
N GLN B 293 23.89 1.99 4.58
CA GLN B 293 23.21 0.80 5.09
C GLN B 293 23.74 -0.49 4.46
N SER B 294 23.55 -1.60 5.18
CA SER B 294 23.99 -2.90 4.70
C SER B 294 23.21 -4.00 5.42
N GLY B 295 23.04 -5.14 4.74
CA GLY B 295 22.31 -6.25 5.31
C GLY B 295 21.15 -6.67 4.42
N ALA B 296 20.25 -7.49 4.95
CA ALA B 296 19.09 -7.97 4.19
C ALA B 296 17.83 -7.38 4.78
N PHE B 297 16.93 -6.94 3.90
CA PHE B 297 15.68 -6.33 4.31
C PHE B 297 14.52 -6.86 3.50
N THR B 298 13.33 -6.83 4.10
CA THR B 298 12.10 -7.23 3.44
C THR B 298 11.45 -5.94 2.93
N VAL B 299 10.36 -6.07 2.19
CA VAL B 299 9.66 -4.89 1.67
C VAL B 299 9.03 -4.03 2.78
N LEU B 300 8.93 -4.59 3.98
CA LEU B 300 8.35 -3.89 5.13
C LEU B 300 9.32 -2.90 5.77
N GLU B 301 10.58 -2.96 5.38
CA GLU B 301 11.61 -2.12 5.96
C GLU B 301 12.16 -1.02 5.07
N VAL B 302 11.49 -0.71 3.98
CA VAL B 302 11.95 0.35 3.09
C VAL B 302 10.88 1.44 3.00
N ALA B 303 11.29 2.68 3.27
CA ALA B 303 10.37 3.80 3.16
C ALA B 303 9.95 3.88 1.70
N PRO B 304 8.65 4.11 1.43
CA PRO B 304 8.08 4.20 0.08
C PRO B 304 8.84 5.05 -0.94
N TYR B 305 9.26 6.24 -0.53
CA TYR B 305 9.95 7.17 -1.43
C TYR B 305 11.22 6.64 -2.09
N LEU B 306 11.82 5.64 -1.47
CA LEU B 306 13.07 5.04 -1.94
C LEU B 306 12.96 4.33 -3.29
N LEU B 307 11.75 3.90 -3.66
CA LEU B 307 11.54 3.16 -4.91
C LEU B 307 11.37 4.07 -6.11
N SER B 308 11.00 5.32 -5.84
CA SER B 308 10.74 6.31 -6.90
C SER B 308 11.97 6.98 -7.50
N PRO B 309 11.98 7.11 -8.84
CA PRO B 309 13.09 7.76 -9.57
C PRO B 309 13.11 9.28 -9.36
N GLU B 310 12.05 9.79 -8.77
CA GLU B 310 11.90 11.21 -8.48
C GLU B 310 12.51 11.53 -7.11
N ASN B 311 12.89 12.78 -6.92
CA ASN B 311 13.46 13.25 -5.65
C ASN B 311 12.31 13.40 -4.67
N LEU B 312 12.63 13.25 -3.39
CA LEU B 312 11.64 13.36 -2.32
C LEU B 312 10.82 14.65 -2.38
N ASP B 313 11.50 15.78 -2.62
CA ASP B 313 10.86 17.08 -2.69
C ASP B 313 9.76 17.14 -3.74
N ASP B 314 9.99 16.56 -4.91
CA ASP B 314 8.99 16.53 -5.98
C ASP B 314 7.79 15.65 -5.56
N LEU B 315 8.10 14.55 -4.88
CA LEU B 315 7.09 13.61 -4.40
C LEU B 315 6.17 14.27 -3.37
N ILE B 316 6.78 14.91 -2.36
CA ILE B 316 6.02 15.57 -1.30
C ILE B 316 5.14 16.69 -1.86
N ALA B 317 5.71 17.46 -2.78
CA ALA B 317 5.01 18.58 -3.39
C ALA B 317 3.88 18.17 -4.29
N ARG B 318 4.02 17.04 -4.96
CA ARG B 318 2.98 16.62 -5.89
C ARG B 318 2.04 15.48 -5.49
N ASP B 319 2.57 14.46 -4.80
CA ASP B 319 1.75 13.29 -4.46
C ASP B 319 1.19 13.12 -3.07
N VAL B 320 1.71 13.86 -2.09
CA VAL B 320 1.23 13.75 -0.71
C VAL B 320 -0.13 14.41 -0.53
#